data_9ME5
#
_entry.id   9ME5
#
_cell.length_a   1.00
_cell.length_b   1.00
_cell.length_c   1.00
_cell.angle_alpha   90.00
_cell.angle_beta   90.00
_cell.angle_gamma   90.00
#
_symmetry.space_group_name_H-M   'P 1'
#
loop_
_entity.id
_entity.type
_entity.pdbx_description
1 polymer 'Type 1 fimbrin D-mannose specific adhesin'
2 polymer 'Protein FimG'
3 polymer 'mAb926 Heavy Chain Fragment'
4 polymer 'mAb824 Heavy Chain Fragment'
5 polymer 'mAb926 Light Chain Fragment'
6 polymer 'mAb824 Light Chain Fragment'
#
loop_
_entity_poly.entity_id
_entity_poly.type
_entity_poly.pdbx_seq_one_letter_code
_entity_poly.pdbx_strand_id
1 'polypeptide(L)'
;MKRVITLFAVLLMGWSVNAWSFACKTANGTAIPIGGGSANVYVNLAPVVNVGQNLVVDLSTQIFCHNDYPETITDYVTLQ
RGSAYGGVLSNFSGTVKYSGSSYPFPTTSETPRVVYNSRTDKPWPVALYLTPVSSAGGVAIKAGSLIAVLILRQTNNYNS
DDFQFVWNIYANNDVVVPTGGCDVSARDVTVTLPDYPGSVPIPLTVYCAKSQNLGYYLSGTTADAGNSIFTNTASFSPAQ
GVGVQLTRNGTIIPANNTVSLGAVGTSAVSLGLTANYARTGGQVTAGNVQSIIGVTFVYQ
;
A
2 'polypeptide(L)'
;MKWCKRGYVLAAILALASATIQAADVTITVNGKVVAKPCTVSTTNATVDLGDLYSFSLMSAGAASAWHDVALELTNCPVG
TSRVTASFSGAADSTGYYKNQGTAQNIQLELQDDSGNTLNTGATKTVQVDDSSQSAHFPLQVRALTVNGGATQGTIQAVI
SITYTYS
;
G
3 'polypeptide(L)'
;QVQLQQSGAELATPGASVKMSCKASGYTSTNYWIHWVKQRPGQGLEWIGYINPTSGYTEYNQNFKDKATLTADKSSSTAY
MQLTSLTSEDSAVYYCARGVIRDFWGQGTTLTVSSAKTTPPSVYPLAPGSAAQTNSMVTLGCLVKGYFPEPVTVTWNSGS
LSSGVHTFPAVLQSDLYTLSSSVTVPSSPRPSETVTCNVAHPASSTKVDKKI
;
H
4 'polypeptide(L)'
;EIQLQQSGPERMKPGASVKISCKASGYSFTTYYIHWVKQSHGRSLEWIGYIDPFNDDTNYNQKFKGKATLTVDKSSSTAY
MHLSSLTSEDSAVYYCARSYYGSLDYWGQGTTLTVSSAKTTPPSVYPLAPGSAAQTNSMVTLGCLVKGYFPEPVTVTWNS
GSLSSGVHTFPAVLQSDLYTLSSSVTVPSSTWPSETVTCNVAHPASST
;
I
5 'polypeptide(L)'
;ELVMTQTPLSLPVSLGDQASISCRSSQNIVHNNGNTYLEWYLQSPGQSPKLLIYKVSNRFSGVPDRFSGSGSGTDFTLKI
SRVEAEDLGVYYCFQGSHVPFTFGSGTKLEIKRADAAPTVSIFPPSSEQLTSGGASVVCFLNNFYPKDINVKWKIDGSER
QNGVLNSWTDQDSKDSTYSMSSTLTLTKDEYERHNSYTCEATHKTSTSPIVKSFNRNEC
;
L
6 'polypeptide(L)'
;DIQMTQTTSSLSASLGDRVTISCRASQGVNNYLNWYQQKPDGSVKLLIYYTSNLHSGAPSRFSGSGSGTDYSLTISNLEQ
EDIATYFCQQANMVPWTFGGGTKLEIKRADAAPTVSIFPPSSEQLTSGGASVVCFLNNFYPKDINVKWKIDGSERQNGVL
NSWTDQDSKDSTYSMSSTLTLTKDEYERHNSYTCEAR
;
M
#
# COMPACT_ATOMS: atom_id res chain seq x y z
N PHE A 22 2.81 -9.29 3.06
CA PHE A 22 3.20 -8.72 4.40
C PHE A 22 4.03 -9.73 5.18
N ALA A 23 5.30 -9.37 5.41
CA ALA A 23 6.19 -10.19 6.21
C ALA A 23 6.99 -9.28 7.12
N CYS A 24 7.46 -9.84 8.25
CA CYS A 24 8.20 -9.09 9.23
C CYS A 24 9.38 -9.91 9.73
N LYS A 25 10.44 -9.22 10.14
CA LYS A 25 11.62 -9.86 10.70
C LYS A 25 12.14 -9.01 11.86
N THR A 26 12.89 -9.66 12.73
CA THR A 26 13.45 -8.99 13.91
C THR A 26 14.67 -8.17 13.53
N ALA A 27 15.14 -7.37 14.49
CA ALA A 27 16.32 -6.54 14.25
C ALA A 27 17.56 -7.37 13.94
N ASN A 28 17.57 -8.65 14.32
CA ASN A 28 18.69 -9.54 14.04
C ASN A 28 18.54 -10.29 12.73
N GLY A 29 17.47 -10.03 11.97
CA GLY A 29 17.23 -10.69 10.70
C GLY A 29 16.30 -11.88 10.76
N THR A 30 16.01 -12.40 11.95
CA THR A 30 15.13 -13.54 12.06
C THR A 30 13.70 -13.18 11.65
N ALA A 31 13.05 -14.09 10.93
CA ALA A 31 11.69 -13.84 10.48
C ALA A 31 10.70 -14.09 11.61
N ILE A 32 9.66 -13.28 11.66
CA ILE A 32 8.59 -13.40 12.65
C ILE A 32 7.44 -14.19 12.02
N PRO A 33 7.12 -15.39 12.51
CA PRO A 33 6.01 -16.14 11.92
C PRO A 33 4.67 -15.45 12.15
N ILE A 34 3.76 -15.65 11.20
CA ILE A 34 2.46 -15.01 11.21
C ILE A 34 1.40 -16.11 11.09
N GLY A 35 0.28 -15.90 11.78
CA GLY A 35 -0.85 -16.81 11.66
C GLY A 35 -0.64 -18.19 12.24
N GLY A 36 0.05 -18.28 13.39
CA GLY A 36 0.10 -19.50 14.15
C GLY A 36 -0.83 -19.42 15.35
N GLY A 37 -0.64 -20.35 16.28
CA GLY A 37 -1.36 -20.24 17.55
C GLY A 37 -1.06 -18.93 18.25
N SER A 38 0.21 -18.54 18.29
CA SER A 38 0.62 -17.22 18.72
C SER A 38 2.12 -17.09 18.48
N ALA A 39 2.53 -15.87 18.17
CA ALA A 39 3.93 -15.58 17.86
C ALA A 39 4.56 -14.83 19.01
N ASN A 40 5.78 -15.23 19.38
CA ASN A 40 6.52 -14.61 20.46
C ASN A 40 7.68 -13.82 19.87
N VAL A 41 7.72 -12.51 20.17
CA VAL A 41 8.75 -11.61 19.67
C VAL A 41 9.58 -11.14 20.85
N TYR A 42 10.90 -11.30 20.75
CA TYR A 42 11.82 -10.92 21.81
C TYR A 42 12.51 -9.62 21.44
N VAL A 43 12.42 -8.64 22.34
CA VAL A 43 12.92 -7.29 22.09
C VAL A 43 13.73 -6.81 23.28
N ASN A 44 14.49 -5.75 23.08
CA ASN A 44 15.30 -5.13 24.12
C ASN A 44 14.56 -3.92 24.68
N LEU A 45 14.41 -3.90 26.01
CA LEU A 45 13.76 -2.78 26.68
C LEU A 45 14.79 -1.75 27.14
N ALA A 46 14.35 -0.50 27.24
CA ALA A 46 15.18 0.60 27.73
C ALA A 46 14.29 1.66 28.34
N PRO A 47 13.63 1.34 29.45
CA PRO A 47 12.69 2.30 30.04
C PRO A 47 13.39 3.56 30.52
N VAL A 48 12.66 4.66 30.50
CA VAL A 48 13.15 5.95 30.96
C VAL A 48 12.00 6.73 31.57
N VAL A 49 12.27 7.41 32.69
CA VAL A 49 11.25 8.23 33.33
C VAL A 49 11.03 9.49 32.52
N ASN A 50 9.80 9.99 32.52
CA ASN A 50 9.44 11.13 31.69
C ASN A 50 8.29 11.87 32.34
N VAL A 51 8.03 13.08 31.85
CA VAL A 51 6.96 13.91 32.38
C VAL A 51 5.64 13.40 31.82
N GLY A 52 4.76 12.90 32.70
CA GLY A 52 3.45 12.46 32.29
C GLY A 52 3.39 10.99 31.92
N GLN A 53 4.27 10.56 31.02
CA GLN A 53 4.24 9.19 30.51
C GLN A 53 5.64 8.61 30.56
N ASN A 54 5.77 7.41 31.10
CA ASN A 54 7.04 6.70 31.12
C ASN A 54 7.11 5.72 29.97
N LEU A 55 8.26 5.68 29.30
CA LEU A 55 8.45 4.80 28.16
C LEU A 55 8.81 3.39 28.64
N VAL A 56 8.16 2.38 28.04
CA VAL A 56 8.47 0.99 28.35
C VAL A 56 9.41 0.44 27.27
N VAL A 57 8.95 0.43 26.02
CA VAL A 57 9.72 -0.14 24.93
C VAL A 57 9.30 0.52 23.63
N ASP A 58 10.29 0.90 22.82
CA ASP A 58 10.06 1.45 21.49
C ASP A 58 10.36 0.34 20.48
N LEU A 59 9.35 -0.02 19.69
CA LEU A 59 9.46 -1.14 18.77
C LEU A 59 9.89 -0.72 17.36
N SER A 60 10.09 0.58 17.12
CA SER A 60 10.51 1.01 15.80
C SER A 60 11.90 0.51 15.45
N THR A 61 12.78 0.33 16.44
CA THR A 61 14.11 -0.20 16.19
C THR A 61 14.17 -1.71 16.25
N GLN A 62 13.08 -2.38 16.61
CA GLN A 62 13.09 -3.81 16.88
C GLN A 62 12.38 -4.64 15.81
N ILE A 63 11.39 -4.07 15.13
CA ILE A 63 10.55 -4.82 14.19
C ILE A 63 10.56 -4.11 12.85
N PHE A 64 10.74 -4.88 11.77
CA PHE A 64 10.75 -4.37 10.41
C PHE A 64 9.87 -5.25 9.55
N CYS A 65 9.11 -4.63 8.64
CA CYS A 65 8.18 -5.34 7.78
C CYS A 65 8.24 -4.76 6.37
N HIS A 66 7.84 -5.58 5.40
CA HIS A 66 7.88 -5.17 3.99
C HIS A 66 6.77 -5.91 3.24
N ASN A 67 6.76 -5.73 1.92
CA ASN A 67 5.76 -6.32 1.05
C ASN A 67 6.46 -6.83 -0.21
N ASP A 68 6.28 -8.12 -0.51
CA ASP A 68 7.02 -8.74 -1.62
C ASP A 68 6.36 -8.50 -2.96
N TYR A 69 5.12 -8.01 -3.00
CA TYR A 69 4.42 -7.79 -4.26
C TYR A 69 3.89 -6.37 -4.31
N PRO A 70 4.74 -5.35 -4.14
CA PRO A 70 4.24 -3.98 -4.06
C PRO A 70 3.54 -3.50 -5.32
N GLU A 71 3.83 -4.09 -6.48
CA GLU A 71 3.24 -3.60 -7.72
C GLU A 71 1.80 -4.04 -7.89
N THR A 72 1.37 -5.11 -7.20
CA THR A 72 0.06 -5.70 -7.43
C THR A 72 -0.83 -5.77 -6.20
N ILE A 73 -0.31 -5.50 -5.00
CA ILE A 73 -1.12 -5.57 -3.79
C ILE A 73 -0.55 -4.60 -2.76
N THR A 74 -1.46 -3.97 -2.01
CA THR A 74 -1.10 -3.08 -0.92
C THR A 74 -1.65 -3.66 0.38
N ASP A 75 -0.79 -3.79 1.38
CA ASP A 75 -1.13 -4.42 2.64
C ASP A 75 -1.40 -3.38 3.72
N TYR A 76 -2.54 -3.51 4.38
CA TYR A 76 -2.94 -2.63 5.46
C TYR A 76 -2.88 -3.38 6.78
N VAL A 77 -2.23 -2.78 7.78
CA VAL A 77 -2.06 -3.38 9.08
C VAL A 77 -2.58 -2.41 10.13
N THR A 78 -3.32 -2.92 11.11
CA THR A 78 -3.98 -2.10 12.11
C THR A 78 -3.93 -2.82 13.45
N LEU A 79 -3.90 -2.05 14.53
CA LEU A 79 -3.87 -2.58 15.88
C LEU A 79 -5.30 -2.69 16.39
N GLN A 80 -5.73 -3.90 16.69
CA GLN A 80 -7.12 -4.16 17.06
C GLN A 80 -7.39 -3.77 18.51
N ARG A 81 -8.67 -3.62 18.84
CA ARG A 81 -9.08 -3.34 20.20
C ARG A 81 -8.76 -4.51 21.11
N GLY A 82 -8.55 -4.22 22.38
CA GLY A 82 -8.22 -5.24 23.36
C GLY A 82 -6.75 -5.49 23.56
N SER A 83 -5.89 -4.88 22.76
CA SER A 83 -4.45 -4.99 22.98
C SER A 83 -4.09 -4.33 24.31
N ALA A 84 -3.25 -5.01 25.09
CA ALA A 84 -2.97 -4.56 26.44
C ALA A 84 -1.62 -5.11 26.88
N TYR A 85 -1.19 -4.65 28.06
CA TYR A 85 0.02 -5.18 28.68
C TYR A 85 -0.23 -6.61 29.17
N GLY A 86 0.87 -7.33 29.39
CA GLY A 86 0.80 -8.70 29.84
C GLY A 86 1.79 -8.95 30.96
N GLY A 87 1.72 -10.15 31.51
CA GLY A 87 2.64 -10.53 32.57
C GLY A 87 2.46 -9.65 33.80
N VAL A 88 3.59 -9.23 34.38
CA VAL A 88 3.55 -8.42 35.59
C VAL A 88 3.12 -6.99 35.34
N LEU A 89 3.06 -6.56 34.07
CA LEU A 89 2.58 -5.23 33.74
C LEU A 89 1.10 -5.21 33.39
N SER A 90 0.40 -6.34 33.54
CA SER A 90 -0.95 -6.46 33.00
C SER A 90 -1.93 -5.46 33.60
N ASN A 91 -1.68 -4.98 34.82
CA ASN A 91 -2.62 -4.09 35.49
C ASN A 91 -2.31 -2.62 35.26
N PHE A 92 -1.29 -2.29 34.48
CA PHE A 92 -0.95 -0.91 34.21
C PHE A 92 -1.64 -0.42 32.93
N SER A 93 -1.68 0.89 32.79
CA SER A 93 -2.26 1.54 31.61
C SER A 93 -1.38 2.69 31.19
N GLY A 94 -1.60 3.18 29.97
CA GLY A 94 -0.80 4.25 29.42
C GLY A 94 -1.26 4.69 28.04
N THR A 95 -0.31 4.87 27.12
CA THR A 95 -0.62 5.27 25.76
C THR A 95 0.25 4.47 24.80
N VAL A 96 -0.13 4.51 23.53
CA VAL A 96 0.60 3.81 22.47
C VAL A 96 0.80 4.77 21.31
N LYS A 97 2.06 4.97 20.92
CA LYS A 97 2.37 5.69 19.69
C LYS A 97 2.09 4.78 18.49
N TYR A 98 1.43 5.32 17.47
CA TYR A 98 1.07 4.51 16.31
C TYR A 98 0.88 5.42 15.10
N SER A 99 1.89 5.47 14.24
CA SER A 99 1.78 6.07 12.92
C SER A 99 1.31 7.52 13.00
N GLY A 100 2.14 8.36 13.59
CA GLY A 100 1.90 9.79 13.57
C GLY A 100 1.01 10.34 14.65
N SER A 101 0.57 9.52 15.60
CA SER A 101 -0.24 9.99 16.71
C SER A 101 -0.19 8.96 17.83
N SER A 102 -0.84 9.27 18.94
CA SER A 102 -0.84 8.39 20.11
C SER A 102 -2.25 8.28 20.64
N TYR A 103 -2.56 7.13 21.23
CA TYR A 103 -3.90 6.77 21.66
C TYR A 103 -3.80 6.09 23.02
N PRO A 104 -4.90 6.07 23.78
CA PRO A 104 -4.88 5.41 25.08
C PRO A 104 -4.59 3.91 24.95
N PHE A 105 -3.94 3.37 25.98
CA PHE A 105 -3.56 1.96 26.02
C PHE A 105 -3.97 1.43 27.39
N PRO A 106 -4.65 0.28 27.47
CA PRO A 106 -5.02 -0.67 26.41
C PRO A 106 -6.02 -0.10 25.42
N THR A 107 -6.06 -0.65 24.20
CA THR A 107 -6.82 -0.05 23.12
C THR A 107 -8.30 -0.39 23.28
N THR A 108 -9.14 0.63 23.31
CA THR A 108 -10.59 0.45 23.39
C THR A 108 -11.26 0.52 22.04
N SER A 109 -10.58 1.04 21.03
CA SER A 109 -11.10 1.12 19.67
C SER A 109 -10.04 0.60 18.71
N GLU A 110 -10.31 0.73 17.41
CA GLU A 110 -9.38 0.26 16.40
C GLU A 110 -8.54 1.42 15.88
N THR A 111 -7.23 1.22 15.83
CA THR A 111 -6.30 2.26 15.43
C THR A 111 -6.34 2.44 13.92
N PRO A 112 -5.80 3.56 13.40
CA PRO A 112 -5.70 3.73 11.95
C PRO A 112 -4.72 2.76 11.33
N ARG A 113 -4.51 2.86 10.01
CA ARG A 113 -3.82 1.83 9.24
C ARG A 113 -2.40 2.25 8.89
N VAL A 114 -1.49 1.29 8.95
CA VAL A 114 -0.17 1.42 8.34
C VAL A 114 -0.23 0.84 6.93
N VAL A 115 0.55 1.40 6.01
CA VAL A 115 0.54 1.01 4.61
C VAL A 115 1.90 0.43 4.26
N TYR A 116 1.89 -0.75 3.65
CA TYR A 116 3.11 -1.43 3.21
C TYR A 116 3.02 -1.67 1.71
N ASN A 117 3.78 -0.89 0.94
CA ASN A 117 3.68 -0.94 -0.51
C ASN A 117 5.07 -0.88 -1.15
N SER A 118 6.05 -1.49 -0.49
CA SER A 118 7.41 -1.49 -1.01
C SER A 118 8.12 -2.74 -0.51
N ARG A 119 9.17 -3.12 -1.23
CA ARG A 119 10.00 -4.26 -0.84
C ARG A 119 11.09 -3.87 0.14
N THR A 120 11.21 -2.59 0.48
CA THR A 120 12.23 -2.14 1.42
C THR A 120 11.67 -2.16 2.83
N ASP A 121 12.44 -2.76 3.75
CA ASP A 121 12.01 -2.84 5.14
C ASP A 121 11.89 -1.44 5.73
N LYS A 122 10.77 -1.20 6.41
CA LYS A 122 10.57 0.03 7.15
C LYS A 122 10.12 -0.29 8.57
N PRO A 123 10.44 0.56 9.54
CA PRO A 123 10.07 0.26 10.93
C PRO A 123 8.57 0.13 11.15
N TRP A 124 8.18 -0.71 12.11
CA TRP A 124 6.80 -0.76 12.57
C TRP A 124 6.61 0.36 13.59
N PRO A 125 5.98 1.47 13.22
CA PRO A 125 5.99 2.66 14.09
C PRO A 125 5.10 2.52 15.31
N VAL A 126 5.60 1.83 16.32
CA VAL A 126 4.84 1.55 17.54
C VAL A 126 5.76 1.74 18.74
N ALA A 127 5.26 2.39 19.78
CA ALA A 127 5.96 2.53 21.05
C ALA A 127 4.92 2.55 22.16
N LEU A 128 5.28 1.97 23.30
CA LEU A 128 4.38 1.80 24.43
C LEU A 128 4.83 2.66 25.59
N TYR A 129 3.88 3.33 26.24
CA TYR A 129 4.14 4.20 27.37
C TYR A 129 3.31 3.74 28.57
N LEU A 130 3.67 4.24 29.74
CA LEU A 130 3.04 3.82 31.00
C LEU A 130 2.73 5.05 31.84
N THR A 131 1.57 5.05 32.47
CA THR A 131 1.17 6.19 33.31
C THR A 131 1.77 6.05 34.71
N PRO A 132 2.47 7.06 35.22
CA PRO A 132 3.03 6.95 36.57
C PRO A 132 1.94 6.76 37.61
N VAL A 133 2.27 6.02 38.66
CA VAL A 133 1.29 5.63 39.68
C VAL A 133 1.78 5.92 41.08
N SER A 134 3.08 6.18 41.24
CA SER A 134 3.66 6.31 42.57
C SER A 134 4.88 7.22 42.52
N SER A 135 5.51 7.38 43.68
CA SER A 135 6.78 8.10 43.80
C SER A 135 7.90 7.08 43.64
N ALA A 136 8.71 7.23 42.59
CA ALA A 136 9.71 6.22 42.27
C ALA A 136 9.06 4.85 42.22
N GLY A 137 9.83 3.80 42.42
CA GLY A 137 9.30 2.45 42.40
C GLY A 137 9.05 1.95 40.99
N GLY A 138 9.29 0.66 40.81
CA GLY A 138 9.11 0.04 39.51
C GLY A 138 9.08 -1.47 39.61
N VAL A 139 8.57 -2.14 38.58
CA VAL A 139 8.45 -3.59 38.56
C VAL A 139 9.66 -4.14 37.81
N ALA A 140 10.27 -5.17 38.37
CA ALA A 140 11.47 -5.76 37.78
C ALA A 140 11.07 -6.74 36.68
N ILE A 141 11.72 -6.63 35.53
CA ILE A 141 11.48 -7.50 34.38
C ILE A 141 12.69 -8.41 34.20
N LYS A 142 12.43 -9.71 34.07
CA LYS A 142 13.47 -10.70 33.86
C LYS A 142 13.46 -11.12 32.39
N ALA A 143 14.63 -11.49 31.89
CA ALA A 143 14.74 -11.93 30.50
C ALA A 143 13.80 -13.10 30.25
N GLY A 144 13.05 -13.03 29.15
CA GLY A 144 12.12 -14.08 28.82
C GLY A 144 10.78 -13.99 29.51
N SER A 145 10.37 -12.81 29.95
CA SER A 145 9.08 -12.62 30.59
C SER A 145 8.15 -11.84 29.68
N LEU A 146 6.87 -12.22 29.70
CA LEU A 146 5.89 -11.59 28.82
C LEU A 146 5.68 -10.14 29.21
N ILE A 147 5.61 -9.27 28.20
CA ILE A 147 5.54 -7.83 28.40
C ILE A 147 4.21 -7.26 27.90
N ALA A 148 3.72 -7.73 26.76
CA ALA A 148 2.48 -7.20 26.20
C ALA A 148 1.93 -8.18 25.18
N VAL A 149 0.60 -8.21 25.08
CA VAL A 149 -0.12 -9.01 24.10
C VAL A 149 -0.79 -8.04 23.15
N LEU A 150 -0.40 -8.09 21.88
CA LEU A 150 -0.90 -7.17 20.86
C LEU A 150 -1.73 -7.94 19.84
N ILE A 151 -2.87 -7.37 19.47
CA ILE A 151 -3.75 -7.96 18.48
C ILE A 151 -3.64 -7.13 17.20
N LEU A 152 -3.33 -7.79 16.09
CA LEU A 152 -3.16 -7.14 14.80
C LEU A 152 -4.20 -7.66 13.82
N ARG A 153 -4.64 -6.77 12.93
CA ARG A 153 -5.57 -7.13 11.86
C ARG A 153 -4.96 -6.67 10.54
N GLN A 154 -4.77 -7.60 9.62
CA GLN A 154 -4.17 -7.31 8.32
C GLN A 154 -5.24 -7.40 7.23
N THR A 155 -5.29 -6.38 6.39
CA THR A 155 -6.19 -6.35 5.24
C THR A 155 -5.41 -5.87 4.03
N ASN A 156 -6.02 -6.02 2.85
CA ASN A 156 -5.38 -5.62 1.61
C ASN A 156 -6.43 -5.00 0.70
N ASN A 157 -5.96 -4.42 -0.41
CA ASN A 157 -6.80 -3.70 -1.35
C ASN A 157 -7.18 -4.53 -2.56
N TYR A 158 -7.13 -5.86 -2.48
CA TYR A 158 -7.38 -6.73 -3.61
C TYR A 158 -8.30 -7.89 -3.32
N ASN A 159 -8.45 -8.29 -2.06
CA ASN A 159 -8.94 -9.61 -1.71
C ASN A 159 -10.25 -9.60 -0.93
N SER A 160 -10.42 -8.68 0.01
CA SER A 160 -11.51 -8.69 0.98
C SER A 160 -11.25 -9.68 2.11
N ASP A 161 -10.02 -10.14 2.27
CA ASP A 161 -9.67 -10.98 3.42
C ASP A 161 -9.47 -10.12 4.66
N ASP A 162 -9.89 -10.67 5.81
CA ASP A 162 -9.81 -9.97 7.10
C ASP A 162 -9.15 -10.96 8.07
N PHE A 163 -7.86 -10.76 8.32
CA PHE A 163 -7.03 -11.72 9.03
C PHE A 163 -6.58 -11.11 10.36
N GLN A 164 -6.78 -11.85 11.44
CA GLN A 164 -6.37 -11.41 12.78
C GLN A 164 -5.35 -12.38 13.36
N PHE A 165 -4.29 -11.83 13.95
CA PHE A 165 -3.27 -12.63 14.61
C PHE A 165 -2.73 -11.85 15.80
N VAL A 166 -2.09 -12.57 16.71
CA VAL A 166 -1.62 -12.01 17.97
C VAL A 166 -0.11 -12.13 18.04
N TRP A 167 0.53 -11.05 18.48
CA TRP A 167 1.97 -11.03 18.75
C TRP A 167 2.17 -10.92 20.26
N ASN A 168 2.99 -11.80 20.81
CA ASN A 168 3.37 -11.76 22.21
C ASN A 168 4.77 -11.17 22.33
N ILE A 169 4.88 -10.07 23.09
CA ILE A 169 6.13 -9.32 23.20
C ILE A 169 6.85 -9.78 24.46
N TYR A 170 8.07 -10.28 24.30
CA TYR A 170 8.87 -10.79 25.38
C TYR A 170 10.14 -9.96 25.53
N ALA A 171 10.62 -9.81 26.76
CA ALA A 171 11.88 -9.13 26.99
C ALA A 171 13.04 -10.12 26.93
N ASN A 172 14.16 -9.67 26.35
CA ASN A 172 15.36 -10.49 26.30
C ASN A 172 16.51 -9.86 27.10
N ASN A 173 16.20 -9.04 28.10
CA ASN A 173 17.20 -8.47 28.97
C ASN A 173 16.52 -7.99 30.24
N ASP A 174 17.26 -8.08 31.35
CA ASP A 174 16.68 -7.74 32.65
C ASP A 174 16.72 -6.24 32.88
N VAL A 175 15.55 -5.66 33.12
CA VAL A 175 15.40 -4.22 33.35
C VAL A 175 14.30 -4.02 34.38
N VAL A 176 14.18 -2.79 34.87
CA VAL A 176 13.14 -2.40 35.82
C VAL A 176 12.40 -1.22 35.25
N VAL A 177 11.08 -1.38 35.07
CA VAL A 177 10.24 -0.34 34.49
C VAL A 177 9.85 0.64 35.59
N PRO A 178 10.16 1.92 35.47
CA PRO A 178 9.73 2.88 36.51
C PRO A 178 8.23 3.08 36.51
N THR A 179 7.61 2.87 37.66
CA THR A 179 6.18 3.05 37.82
C THR A 179 5.82 4.45 38.32
N GLY A 180 6.81 5.25 38.72
CA GLY A 180 6.57 6.57 39.26
C GLY A 180 7.18 7.67 38.42
N GLY A 181 7.28 8.85 39.03
CA GLY A 181 7.80 10.03 38.37
C GLY A 181 9.24 10.37 38.71
N CYS A 182 9.90 9.56 39.54
CA CYS A 182 11.30 9.80 39.88
C CYS A 182 12.05 8.48 39.75
N ASP A 183 13.37 8.59 39.58
CA ASP A 183 14.22 7.43 39.43
C ASP A 183 15.42 7.56 40.35
N VAL A 184 16.17 6.47 40.48
CA VAL A 184 17.30 6.40 41.39
C VAL A 184 18.52 5.91 40.63
N SER A 185 19.70 6.17 41.20
CA SER A 185 20.94 5.72 40.57
C SER A 185 21.02 4.20 40.51
N ALA A 186 20.61 3.52 41.57
CA ALA A 186 20.64 2.07 41.60
C ALA A 186 19.45 1.57 42.41
N ARG A 187 18.94 0.40 42.03
CA ARG A 187 17.85 -0.23 42.77
C ARG A 187 18.35 -1.12 43.89
N ASP A 188 19.58 -1.61 43.81
CA ASP A 188 20.20 -2.40 44.86
C ASP A 188 21.61 -1.87 45.09
N VAL A 189 21.91 -1.53 46.34
CA VAL A 189 23.19 -0.93 46.69
C VAL A 189 23.87 -1.77 47.76
N THR A 190 25.07 -2.26 47.45
CA THR A 190 25.88 -2.96 48.43
C THR A 190 27.05 -2.10 48.85
N VAL A 191 27.22 -1.94 50.17
CA VAL A 191 28.32 -1.16 50.73
C VAL A 191 29.01 -2.02 51.77
N THR A 192 30.28 -1.70 52.02
CA THR A 192 31.13 -2.49 52.92
C THR A 192 31.66 -1.58 54.01
N LEU A 193 31.18 -1.79 55.23
CA LEU A 193 31.75 -1.09 56.37
C LEU A 193 33.16 -1.61 56.64
N PRO A 194 34.07 -0.76 57.10
CA PRO A 194 35.33 -1.28 57.65
C PRO A 194 35.08 -1.94 58.99
N ASP A 195 36.10 -2.62 59.49
CA ASP A 195 35.98 -3.27 60.79
C ASP A 195 35.51 -2.27 61.84
N TYR A 196 34.83 -2.79 62.86
CA TYR A 196 34.30 -1.94 63.92
C TYR A 196 35.38 -0.99 64.42
N PRO A 197 35.05 0.29 64.68
CA PRO A 197 33.75 0.96 64.61
C PRO A 197 33.58 1.91 63.42
N GLY A 198 34.27 1.71 62.31
CA GLY A 198 34.24 2.66 61.21
C GLY A 198 32.87 2.76 60.55
N SER A 199 32.84 3.51 59.45
CA SER A 199 31.60 3.78 58.74
C SER A 199 31.91 4.17 57.31
N VAL A 200 30.89 4.08 56.45
CA VAL A 200 31.05 4.45 55.03
C VAL A 200 29.79 5.16 54.56
N PRO A 201 29.94 6.04 53.57
CA PRO A 201 28.76 6.67 52.96
C PRO A 201 28.08 5.72 51.99
N ILE A 202 26.82 6.02 51.69
CA ILE A 202 26.00 5.23 50.77
C ILE A 202 25.76 6.06 49.52
N PRO A 203 26.25 5.64 48.35
CA PRO A 203 26.07 6.43 47.10
C PRO A 203 24.70 6.21 46.47
N LEU A 204 23.71 6.95 46.95
CA LEU A 204 22.34 6.88 46.45
C LEU A 204 21.86 8.29 46.12
N THR A 205 21.34 8.47 44.91
CA THR A 205 20.87 9.77 44.44
C THR A 205 19.52 9.61 43.77
N VAL A 206 18.76 10.71 43.74
CA VAL A 206 17.41 10.72 43.21
C VAL A 206 17.25 11.91 42.26
N TYR A 207 16.51 11.70 41.18
CA TYR A 207 16.17 12.75 40.25
C TYR A 207 14.75 12.51 39.74
N CYS A 208 14.10 13.58 39.32
CA CYS A 208 12.72 13.53 38.84
C CYS A 208 12.61 14.31 37.54
N ALA A 209 11.75 13.82 36.65
CA ALA A 209 11.56 14.48 35.36
C ALA A 209 10.95 15.86 35.50
N LYS A 210 10.28 16.15 36.61
CA LYS A 210 9.65 17.44 36.83
C LYS A 210 9.77 17.78 38.31
N SER A 211 9.80 19.07 38.61
CA SER A 211 10.01 19.51 39.99
C SER A 211 8.98 18.87 40.91
N GLN A 212 9.47 18.29 42.01
CA GLN A 212 8.62 17.56 42.94
C GLN A 212 9.16 17.74 44.35
N ASN A 213 8.26 17.63 45.33
CA ASN A 213 8.64 17.61 46.73
C ASN A 213 8.77 16.17 47.20
N LEU A 214 9.98 15.79 47.61
CA LEU A 214 10.32 14.39 47.84
C LEU A 214 10.74 14.15 49.28
N GLY A 215 10.37 12.97 49.79
CA GLY A 215 10.84 12.50 51.07
C GLY A 215 10.87 10.98 51.09
N TYR A 216 11.70 10.43 51.98
CA TYR A 216 11.89 9.00 52.04
C TYR A 216 11.90 8.55 53.50
N TYR A 217 11.56 7.27 53.70
CA TYR A 217 11.58 6.65 55.02
C TYR A 217 12.14 5.25 54.90
N LEU A 218 13.03 4.89 55.83
CA LEU A 218 13.64 3.58 55.85
C LEU A 218 12.72 2.55 56.48
N SER A 219 12.96 1.29 56.18
CA SER A 219 12.14 0.20 56.72
C SER A 219 13.02 -1.02 56.95
N GLY A 220 12.55 -1.90 57.82
CA GLY A 220 13.29 -3.11 58.15
C GLY A 220 12.96 -3.54 59.57
N THR A 221 13.69 -4.57 60.02
CA THR A 221 13.51 -5.12 61.35
C THR A 221 14.45 -4.40 62.30
N THR A 222 13.91 -3.49 63.10
CA THR A 222 14.72 -2.77 64.07
C THR A 222 14.85 -3.58 65.36
N ALA A 223 15.76 -3.13 66.24
CA ALA A 223 16.10 -3.92 67.41
C ALA A 223 16.30 -3.07 68.67
N ASP A 224 15.68 -1.91 68.77
CA ASP A 224 15.85 -1.06 69.94
C ASP A 224 14.54 -0.29 70.17
N ALA A 225 14.54 0.55 71.21
CA ALA A 225 13.35 1.32 71.54
C ALA A 225 13.05 2.39 70.51
N GLY A 226 14.01 3.29 70.27
CA GLY A 226 13.83 4.31 69.25
C GLY A 226 13.70 3.75 67.84
N ASN A 227 14.05 2.48 67.66
CA ASN A 227 13.93 1.81 66.37
C ASN A 227 14.77 2.49 65.30
N SER A 228 16.01 2.84 65.66
CA SER A 228 16.97 3.35 64.70
C SER A 228 18.02 2.32 64.29
N ILE A 229 18.04 1.16 64.96
CA ILE A 229 19.12 0.19 64.81
C ILE A 229 18.51 -1.07 64.19
N PHE A 230 19.16 -1.60 63.16
CA PHE A 230 18.67 -2.74 62.41
C PHE A 230 19.39 -4.01 62.82
N THR A 231 18.64 -5.12 62.90
CA THR A 231 19.19 -6.35 63.43
C THR A 231 20.25 -6.93 62.50
N ASN A 232 21.21 -7.63 63.11
CA ASN A 232 22.26 -8.30 62.34
C ASN A 232 21.69 -9.58 61.74
N THR A 233 21.69 -9.65 60.40
CA THR A 233 21.11 -10.77 59.67
C THR A 233 22.16 -11.78 59.21
N ALA A 234 23.44 -11.53 59.50
CA ALA A 234 24.53 -12.37 59.01
C ALA A 234 24.21 -13.84 59.29
N SER A 235 24.21 -14.65 58.23
CA SER A 235 23.86 -16.06 58.37
C SER A 235 24.99 -16.88 58.98
N PHE A 236 26.23 -16.61 58.60
CA PHE A 236 27.38 -17.44 58.97
C PHE A 236 28.22 -16.71 60.00
N SER A 237 28.40 -17.33 61.17
CA SER A 237 29.21 -16.77 62.25
C SER A 237 28.86 -15.32 62.53
N PRO A 238 27.60 -15.02 62.84
CA PRO A 238 27.18 -13.63 63.05
C PRO A 238 27.82 -13.04 64.30
N ALA A 239 28.04 -11.73 64.29
CA ALA A 239 28.44 -11.02 65.49
C ALA A 239 27.21 -10.57 66.26
N GLN A 240 27.25 -10.74 67.59
CA GLN A 240 26.10 -10.49 68.44
C GLN A 240 26.32 -9.21 69.24
N GLY A 241 25.21 -8.54 69.56
CA GLY A 241 25.27 -7.30 70.32
C GLY A 241 25.50 -6.06 69.49
N VAL A 242 25.46 -6.14 68.16
CA VAL A 242 25.71 -5.02 67.30
C VAL A 242 24.68 -5.00 66.18
N GLY A 243 24.41 -3.81 65.65
CA GLY A 243 23.48 -3.63 64.57
C GLY A 243 23.94 -2.50 63.67
N VAL A 244 23.14 -2.20 62.65
CA VAL A 244 23.46 -1.18 61.67
C VAL A 244 22.49 -0.02 61.83
N GLN A 245 23.03 1.20 61.92
CA GLN A 245 22.24 2.40 62.13
C GLN A 245 22.62 3.43 61.07
N LEU A 246 21.63 3.92 60.34
CA LEU A 246 21.87 4.90 59.28
C LEU A 246 21.76 6.32 59.85
N THR A 247 22.56 7.22 59.28
CA THR A 247 22.58 8.62 59.68
C THR A 247 22.90 9.47 58.46
N ARG A 248 22.29 10.64 58.38
CA ARG A 248 22.58 11.61 57.33
C ARG A 248 23.07 12.90 57.96
N ASN A 249 24.28 13.30 57.59
CA ASN A 249 24.88 14.55 58.07
C ASN A 249 24.82 14.65 59.59
N GLY A 250 25.10 13.52 60.26
CA GLY A 250 25.18 13.49 61.70
C GLY A 250 23.88 13.17 62.41
N THR A 251 22.74 13.32 61.74
CA THR A 251 21.46 13.04 62.36
C THR A 251 21.07 11.58 62.14
N ILE A 252 20.38 11.01 63.11
CA ILE A 252 20.00 9.60 63.10
C ILE A 252 18.57 9.49 62.59
N ILE A 253 18.36 8.56 61.65
CA ILE A 253 17.08 8.36 60.99
C ILE A 253 16.47 7.07 61.53
N PRO A 254 15.45 7.11 62.37
CA PRO A 254 14.77 5.88 62.76
C PRO A 254 13.86 5.35 61.66
N ALA A 255 13.57 4.07 61.76
CA ALA A 255 12.72 3.42 60.76
C ALA A 255 11.30 3.96 60.84
N ASN A 256 10.59 3.85 59.72
CA ASN A 256 9.19 4.27 59.61
C ASN A 256 9.01 5.76 59.90
N ASN A 257 10.03 6.58 59.65
CA ASN A 257 9.97 8.01 59.82
C ASN A 257 10.40 8.69 58.53
N THR A 258 9.69 9.75 58.16
CA THR A 258 9.85 10.38 56.85
C THR A 258 10.92 11.47 56.93
N VAL A 259 11.86 11.42 56.00
CA VAL A 259 12.93 12.41 55.88
C VAL A 259 12.67 13.22 54.62
N SER A 260 12.75 14.54 54.74
CA SER A 260 12.38 15.43 53.63
C SER A 260 13.62 15.90 52.88
N LEU A 261 13.50 15.92 51.55
CA LEU A 261 14.56 16.41 50.67
C LEU A 261 14.26 17.77 50.07
N GLY A 262 13.03 18.26 50.19
CA GLY A 262 12.68 19.51 49.53
C GLY A 262 12.42 19.30 48.05
N ALA A 263 12.56 20.37 47.28
CA ALA A 263 12.33 20.31 45.85
C ALA A 263 13.44 19.53 45.16
N VAL A 264 13.04 18.63 44.26
CA VAL A 264 13.98 17.85 43.46
C VAL A 264 13.60 18.01 42.00
N GLY A 265 14.59 17.88 41.14
CA GLY A 265 14.39 18.10 39.71
C GLY A 265 15.30 17.24 38.87
N THR A 266 15.52 17.68 37.63
CA THR A 266 16.31 16.89 36.69
C THR A 266 17.75 16.70 37.14
N SER A 267 18.23 17.53 38.07
CA SER A 267 19.58 17.38 38.61
C SER A 267 19.55 16.42 39.79
N ALA A 268 20.38 15.39 39.74
CA ALA A 268 20.37 14.37 40.78
C ALA A 268 20.67 14.98 42.14
N VAL A 269 19.93 14.52 43.15
CA VAL A 269 20.07 14.99 44.52
C VAL A 269 20.48 13.82 45.38
N SER A 270 21.54 14.00 46.18
CA SER A 270 22.05 12.95 47.04
C SER A 270 21.23 12.86 48.32
N LEU A 271 20.98 11.62 48.76
CA LEU A 271 20.32 11.40 50.04
C LEU A 271 21.23 11.69 51.22
N GLY A 272 22.54 11.49 51.07
CA GLY A 272 23.48 11.79 52.12
C GLY A 272 23.55 10.77 53.23
N LEU A 273 23.01 9.58 53.04
CA LEU A 273 22.98 8.58 54.10
C LEU A 273 24.37 8.01 54.36
N THR A 274 24.64 7.68 55.62
CA THR A 274 25.88 7.04 56.03
C THR A 274 25.54 5.92 57.00
N ALA A 275 26.22 4.79 56.85
CA ALA A 275 25.95 3.59 57.65
C ALA A 275 27.00 3.46 58.74
N ASN A 276 26.55 3.14 59.95
CA ASN A 276 27.42 3.06 61.11
C ASN A 276 27.10 1.81 61.91
N TYR A 277 28.10 1.32 62.65
CA TYR A 277 27.83 0.32 63.67
C TYR A 277 27.21 0.96 64.90
N ALA A 278 26.37 0.20 65.59
CA ALA A 278 25.78 0.60 66.86
C ALA A 278 25.76 -0.58 67.81
N ARG A 279 25.84 -0.27 69.11
CA ARG A 279 25.92 -1.28 70.16
C ARG A 279 24.60 -1.35 70.91
N THR A 280 24.05 -2.55 71.03
CA THR A 280 22.78 -2.77 71.72
C THR A 280 22.89 -4.02 72.57
N GLY A 281 22.02 -4.09 73.58
CA GLY A 281 21.92 -5.26 74.42
C GLY A 281 22.97 -5.35 75.51
N GLY A 282 24.22 -5.58 75.10
CA GLY A 282 25.28 -5.77 76.07
C GLY A 282 26.61 -6.12 75.43
N GLN A 283 27.25 -7.18 75.94
CA GLN A 283 28.57 -7.55 75.46
C GLN A 283 28.56 -7.79 73.95
N VAL A 284 29.60 -7.28 73.28
CA VAL A 284 29.74 -7.40 71.84
C VAL A 284 30.74 -8.51 71.54
N THR A 285 30.38 -9.40 70.62
CA THR A 285 31.19 -10.55 70.25
C THR A 285 31.56 -10.46 68.77
N ALA A 286 32.78 -10.88 68.45
CA ALA A 286 33.26 -10.78 67.08
C ALA A 286 32.48 -11.71 66.16
N GLY A 287 32.45 -11.34 64.88
CA GLY A 287 31.78 -12.12 63.86
C GLY A 287 31.44 -11.24 62.68
N ASN A 288 30.59 -11.77 61.80
CA ASN A 288 30.14 -11.04 60.63
C ASN A 288 28.91 -10.21 60.96
N VAL A 289 28.72 -9.12 60.22
CA VAL A 289 27.58 -8.23 60.38
C VAL A 289 26.99 -7.96 58.99
N GLN A 290 25.67 -8.00 58.90
CA GLN A 290 24.99 -7.71 57.64
C GLN A 290 23.55 -7.33 57.94
N SER A 291 23.09 -6.26 57.29
CA SER A 291 21.71 -5.82 57.39
C SER A 291 21.20 -5.47 56.00
N ILE A 292 19.89 -5.60 55.82
CA ILE A 292 19.23 -5.27 54.55
C ILE A 292 18.17 -4.23 54.85
N ILE A 293 18.34 -3.04 54.27
CA ILE A 293 17.52 -1.88 54.59
C ILE A 293 16.82 -1.44 53.31
N GLY A 294 15.51 -1.20 53.40
CA GLY A 294 14.72 -0.77 52.27
C GLY A 294 14.40 0.72 52.36
N VAL A 295 14.58 1.41 51.24
CA VAL A 295 14.28 2.83 51.13
C VAL A 295 13.03 3.01 50.29
N THR A 296 12.11 3.83 50.78
CA THR A 296 10.86 4.12 50.10
C THR A 296 10.70 5.62 49.96
N PHE A 297 10.06 6.06 48.89
CA PHE A 297 9.89 7.46 48.59
C PHE A 297 8.41 7.84 48.62
N VAL A 298 8.15 9.09 48.98
CA VAL A 298 6.78 9.60 49.06
C VAL A 298 6.79 11.06 48.63
N TYR A 299 5.61 11.55 48.22
CA TYR A 299 5.46 12.96 47.88
C TYR A 299 5.13 13.78 49.12
N GLN A 300 5.26 15.09 48.98
CA GLN A 300 4.91 16.02 50.05
C GLN A 300 4.33 17.30 49.50
N ALA B 24 9.32 0.04 49.33
CA ALA B 24 10.70 -0.52 49.27
C ALA B 24 11.21 -0.55 47.84
N ASP B 25 11.39 0.63 47.25
CA ASP B 25 11.85 0.74 45.87
C ASP B 25 13.37 0.71 45.75
N VAL B 26 14.10 0.76 46.86
CA VAL B 26 15.54 0.57 46.88
C VAL B 26 15.89 -0.27 48.09
N THR B 27 16.80 -1.22 47.90
CA THR B 27 17.26 -2.09 48.97
C THR B 27 18.76 -1.88 49.18
N ILE B 28 19.15 -1.70 50.43
CA ILE B 28 20.53 -1.42 50.81
C ILE B 28 21.05 -2.57 51.65
N THR B 29 22.17 -3.14 51.24
CA THR B 29 22.83 -4.21 51.98
C THR B 29 24.12 -3.67 52.56
N VAL B 30 24.22 -3.64 53.88
CA VAL B 30 25.37 -3.07 54.58
C VAL B 30 26.14 -4.23 55.21
N ASN B 31 27.26 -4.60 54.60
CA ASN B 31 28.13 -5.63 55.14
C ASN B 31 29.14 -5.03 56.11
N GLY B 32 29.62 -5.86 57.02
CA GLY B 32 30.57 -5.39 58.01
C GLY B 32 31.19 -6.54 58.75
N LYS B 33 32.10 -6.20 59.66
CA LYS B 33 32.81 -7.19 60.45
C LYS B 33 33.17 -6.60 61.80
N VAL B 34 33.50 -7.47 62.75
CA VAL B 34 33.87 -7.04 64.09
C VAL B 34 35.16 -7.72 64.51
N GLN C 1 15.02 -24.97 -3.16
CA GLN C 1 14.16 -24.27 -2.16
C GLN C 1 12.90 -25.07 -1.89
N VAL C 2 12.02 -24.51 -1.06
CA VAL C 2 10.69 -25.08 -0.87
C VAL C 2 9.88 -24.75 -2.12
N GLN C 3 9.74 -25.73 -3.01
CA GLN C 3 9.17 -25.49 -4.33
C GLN C 3 8.05 -26.50 -4.57
N LEU C 4 7.21 -26.16 -5.55
CA LEU C 4 5.94 -26.87 -5.78
C LEU C 4 6.22 -28.22 -6.41
N GLN C 5 6.37 -29.22 -5.56
CA GLN C 5 6.36 -30.61 -6.00
C GLN C 5 5.01 -31.23 -5.70
N GLN C 6 4.35 -31.74 -6.73
CA GLN C 6 2.98 -32.22 -6.64
C GLN C 6 2.97 -33.75 -6.54
N SER C 7 1.77 -34.33 -6.55
CA SER C 7 1.62 -35.77 -6.55
C SER C 7 2.15 -36.37 -7.86
N GLY C 8 1.93 -37.67 -8.03
CA GLY C 8 2.38 -38.35 -9.24
C GLY C 8 1.28 -38.51 -10.26
N ALA C 9 0.76 -39.71 -10.41
CA ALA C 9 -0.37 -39.97 -11.29
C ALA C 9 -1.39 -40.80 -10.53
N GLU C 10 -2.66 -40.48 -10.73
CA GLU C 10 -3.76 -41.11 -10.00
C GLU C 10 -4.80 -41.63 -10.96
N LEU C 11 -5.30 -42.83 -10.69
CA LEU C 11 -6.35 -43.46 -11.47
C LEU C 11 -7.52 -43.79 -10.55
N ALA C 12 -8.72 -43.40 -10.96
CA ALA C 12 -9.90 -43.57 -10.12
C ALA C 12 -11.09 -44.00 -10.97
N THR C 13 -12.04 -44.67 -10.34
CA THR C 13 -13.25 -45.08 -11.02
C THR C 13 -14.28 -43.94 -11.00
N PRO C 14 -15.28 -44.00 -11.89
CA PRO C 14 -16.31 -42.96 -11.88
C PRO C 14 -16.98 -42.87 -10.52
N GLY C 15 -17.31 -41.63 -10.13
CA GLY C 15 -17.71 -41.37 -8.76
C GLY C 15 -16.47 -41.20 -7.91
N ALA C 16 -16.34 -41.99 -6.85
CA ALA C 16 -15.10 -42.05 -6.09
C ALA C 16 -14.66 -40.66 -5.62
N SER C 17 -13.42 -40.56 -5.15
CA SER C 17 -12.86 -39.28 -4.72
C SER C 17 -11.35 -39.41 -4.68
N VAL C 18 -10.68 -38.27 -4.90
CA VAL C 18 -9.23 -38.21 -4.93
C VAL C 18 -8.79 -36.90 -4.30
N LYS C 19 -7.61 -36.94 -3.67
CA LYS C 19 -7.02 -35.75 -3.04
C LYS C 19 -5.60 -35.59 -3.60
N MET C 20 -5.29 -34.39 -4.05
CA MET C 20 -3.98 -34.07 -4.62
C MET C 20 -3.22 -33.16 -3.68
N SER C 21 -1.91 -33.07 -3.91
CA SER C 21 -1.01 -32.35 -3.01
C SER C 21 -0.08 -31.44 -3.81
N CYS C 22 0.32 -30.35 -3.17
CA CYS C 22 1.30 -29.41 -3.73
C CYS C 22 2.25 -29.06 -2.59
N LYS C 23 3.44 -29.64 -2.62
CA LYS C 23 4.33 -29.68 -1.45
C LYS C 23 5.21 -28.44 -1.35
N ALA C 24 4.61 -27.29 -1.02
CA ALA C 24 5.38 -26.09 -0.74
C ALA C 24 4.45 -25.04 -0.16
N SER C 25 4.94 -24.34 0.86
CA SER C 25 4.19 -23.27 1.51
C SER C 25 5.07 -22.68 2.60
N GLY C 26 4.59 -21.60 3.21
CA GLY C 26 5.22 -21.02 4.38
C GLY C 26 4.35 -19.96 5.01
N TYR C 27 4.13 -20.06 6.31
CA TYR C 27 3.29 -19.09 7.02
C TYR C 27 4.10 -17.94 7.60
N THR C 28 4.91 -17.29 6.77
CA THR C 28 5.64 -16.10 7.15
C THR C 28 5.29 -14.88 6.30
N SER C 29 4.77 -15.10 5.10
CA SER C 29 4.33 -14.04 4.21
C SER C 29 2.89 -14.30 3.80
N THR C 30 2.10 -13.23 3.68
CA THR C 30 0.69 -13.35 3.35
C THR C 30 0.43 -13.34 1.85
N ASN C 31 1.48 -13.29 1.02
CA ASN C 31 1.32 -13.18 -0.43
C ASN C 31 1.68 -14.46 -1.16
N TYR C 32 1.93 -15.57 -0.46
CA TYR C 32 2.22 -16.84 -1.11
C TYR C 32 0.95 -17.67 -1.23
N TRP C 33 0.02 -17.17 -2.04
CA TRP C 33 -1.20 -17.90 -2.33
C TRP C 33 -0.87 -19.09 -3.24
N ILE C 34 -1.77 -20.06 -3.25
CA ILE C 34 -1.63 -21.26 -4.09
C ILE C 34 -2.86 -21.36 -4.97
N HIS C 35 -2.66 -21.25 -6.28
CA HIS C 35 -3.72 -21.39 -7.25
C HIS C 35 -3.70 -22.79 -7.85
N TRP C 36 -4.86 -23.27 -8.26
CA TRP C 36 -5.00 -24.55 -8.92
C TRP C 36 -5.61 -24.33 -10.31
N VAL C 37 -5.02 -24.96 -11.32
CA VAL C 37 -5.40 -24.76 -12.70
C VAL C 37 -5.61 -26.13 -13.35
N LYS C 38 -6.61 -26.21 -14.23
CA LYS C 38 -6.98 -27.45 -14.90
C LYS C 38 -6.74 -27.31 -16.39
N GLN C 39 -6.13 -28.34 -16.99
CA GLN C 39 -5.91 -28.38 -18.43
C GLN C 39 -6.38 -29.73 -18.97
N ARG C 40 -7.43 -29.71 -19.78
CA ARG C 40 -7.89 -30.94 -20.39
C ARG C 40 -7.14 -31.21 -21.68
N PRO C 41 -6.91 -32.48 -22.05
CA PRO C 41 -6.14 -32.78 -23.26
C PRO C 41 -6.69 -32.08 -24.49
N GLY C 42 -5.89 -31.21 -25.10
CA GLY C 42 -6.25 -30.52 -26.31
C GLY C 42 -6.94 -29.18 -26.10
N GLN C 43 -7.28 -28.84 -24.87
CA GLN C 43 -7.97 -27.60 -24.56
C GLN C 43 -7.05 -26.69 -23.75
N GLY C 44 -7.60 -25.55 -23.32
CA GLY C 44 -6.84 -24.54 -22.63
C GLY C 44 -6.81 -24.77 -21.13
N LEU C 45 -6.66 -23.66 -20.39
CA LEU C 45 -6.49 -23.68 -18.95
C LEU C 45 -7.72 -23.15 -18.25
N GLU C 46 -8.04 -23.71 -17.10
CA GLU C 46 -9.15 -23.28 -16.27
C GLU C 46 -8.66 -23.02 -14.85
N TRP C 47 -9.04 -21.87 -14.30
CA TRP C 47 -8.69 -21.52 -12.94
C TRP C 47 -9.76 -22.02 -11.99
N ILE C 48 -9.37 -22.83 -11.01
CA ILE C 48 -10.31 -23.43 -10.08
C ILE C 48 -10.50 -22.59 -8.84
N GLY C 49 -9.40 -22.12 -8.25
CA GLY C 49 -9.48 -21.32 -7.04
C GLY C 49 -8.10 -21.15 -6.46
N TYR C 50 -8.06 -20.51 -5.29
CA TYR C 50 -6.82 -20.40 -4.54
C TYR C 50 -7.13 -20.30 -3.05
N ILE C 51 -6.13 -20.64 -2.25
CA ILE C 51 -6.22 -20.59 -0.80
C ILE C 51 -5.00 -19.82 -0.28
N ASN C 52 -5.21 -19.05 0.79
CA ASN C 52 -4.10 -18.40 1.46
C ASN C 52 -3.65 -19.28 2.61
N PRO C 53 -2.51 -19.98 2.51
CA PRO C 53 -2.12 -20.92 3.58
C PRO C 53 -1.94 -20.25 4.93
N THR C 54 -1.63 -18.95 4.96
CA THR C 54 -1.34 -18.29 6.23
C THR C 54 -2.61 -18.00 7.02
N SER C 55 -3.70 -17.65 6.34
CA SER C 55 -4.95 -17.30 7.00
C SER C 55 -6.08 -18.27 6.71
N GLY C 56 -5.98 -19.10 5.68
CA GLY C 56 -7.04 -20.01 5.32
C GLY C 56 -8.12 -19.42 4.45
N TYR C 57 -7.94 -18.18 3.99
CA TYR C 57 -8.91 -17.57 3.08
C TYR C 57 -8.89 -18.28 1.73
N THR C 58 -10.08 -18.51 1.17
CA THR C 58 -10.20 -19.25 -0.07
C THR C 58 -11.08 -18.49 -1.05
N GLU C 59 -10.70 -18.55 -2.33
CA GLU C 59 -11.51 -18.09 -3.43
C GLU C 59 -11.82 -19.27 -4.35
N TYR C 60 -13.06 -19.34 -4.83
CA TYR C 60 -13.52 -20.47 -5.62
C TYR C 60 -14.14 -19.98 -6.93
N ASN C 61 -13.91 -20.75 -7.99
CA ASN C 61 -14.69 -20.59 -9.20
C ASN C 61 -16.03 -21.28 -9.02
N GLN C 62 -17.12 -20.55 -9.21
CA GLN C 62 -18.43 -21.09 -8.90
C GLN C 62 -18.78 -22.28 -9.79
N ASN C 63 -18.08 -22.47 -10.91
CA ASN C 63 -18.26 -23.67 -11.71
C ASN C 63 -17.68 -24.90 -11.04
N PHE C 64 -16.83 -24.73 -10.03
CA PHE C 64 -16.20 -25.83 -9.33
C PHE C 64 -16.64 -25.94 -7.87
N LYS C 65 -17.59 -25.11 -7.43
CA LYS C 65 -17.88 -25.04 -6.00
C LYS C 65 -18.48 -26.32 -5.44
N ASP C 66 -19.04 -27.18 -6.29
CA ASP C 66 -19.53 -28.48 -5.85
C ASP C 66 -18.48 -29.58 -5.92
N LYS C 67 -17.30 -29.29 -6.48
CA LYS C 67 -16.31 -30.31 -6.78
C LYS C 67 -15.02 -30.19 -6.00
N ALA C 68 -14.44 -28.99 -5.91
CA ALA C 68 -13.10 -28.80 -5.37
C ALA C 68 -13.19 -28.23 -3.96
N THR C 69 -12.40 -28.80 -3.06
CA THR C 69 -12.23 -28.30 -1.70
C THR C 69 -10.76 -28.01 -1.48
N LEU C 70 -10.44 -26.78 -1.08
CA LEU C 70 -9.07 -26.34 -0.90
C LEU C 70 -8.73 -26.29 0.59
N THR C 71 -7.60 -26.86 0.95
CA THR C 71 -7.12 -26.86 2.32
C THR C 71 -5.60 -26.85 2.31
N ALA C 72 -5.02 -26.51 3.47
CA ALA C 72 -3.58 -26.46 3.61
C ALA C 72 -3.21 -26.83 5.04
N ASP C 73 -2.11 -27.58 5.17
CA ASP C 73 -1.57 -27.94 6.47
C ASP C 73 -0.35 -27.09 6.74
N LYS C 74 -0.36 -26.36 7.86
CA LYS C 74 0.73 -25.45 8.16
C LYS C 74 2.00 -26.20 8.58
N SER C 75 1.85 -27.41 9.10
CA SER C 75 3.00 -28.18 9.57
C SER C 75 3.87 -28.63 8.40
N SER C 76 3.29 -29.38 7.47
CA SER C 76 4.04 -29.93 6.34
C SER C 76 4.18 -28.94 5.19
N SER C 77 3.60 -27.75 5.24
CA SER C 77 3.69 -26.78 4.15
C SER C 77 3.17 -27.41 2.85
N THR C 78 2.08 -28.16 2.95
CA THR C 78 1.50 -28.88 1.82
C THR C 78 0.06 -28.42 1.63
N ALA C 79 -0.28 -28.00 0.42
CA ALA C 79 -1.64 -27.65 0.07
C ALA C 79 -2.33 -28.85 -0.57
N TYR C 80 -3.66 -28.89 -0.42
CA TYR C 80 -4.44 -30.03 -0.88
C TYR C 80 -5.64 -29.56 -1.68
N MET C 81 -6.02 -30.38 -2.67
CA MET C 81 -7.26 -30.22 -3.41
C MET C 81 -7.96 -31.56 -3.46
N GLN C 82 -9.26 -31.56 -3.19
CA GLN C 82 -10.06 -32.78 -3.20
C GLN C 82 -11.18 -32.65 -4.22
N LEU C 83 -11.36 -33.69 -5.02
CA LEU C 83 -12.39 -33.75 -6.04
C LEU C 83 -13.33 -34.90 -5.73
N THR C 84 -14.64 -34.62 -5.75
CA THR C 84 -15.65 -35.59 -5.37
C THR C 84 -16.56 -35.87 -6.55
N SER C 85 -17.08 -37.10 -6.61
CA SER C 85 -18.00 -37.52 -7.66
C SER C 85 -17.36 -37.35 -9.04
N LEU C 86 -16.25 -38.06 -9.24
CA LEU C 86 -15.48 -37.92 -10.46
C LEU C 86 -16.20 -38.52 -11.65
N THR C 87 -16.10 -37.85 -12.79
CA THR C 87 -16.57 -38.34 -14.08
C THR C 87 -15.43 -38.35 -15.07
N SER C 88 -15.71 -38.81 -16.29
CA SER C 88 -14.69 -38.80 -17.33
C SER C 88 -14.28 -37.37 -17.68
N GLU C 89 -15.17 -36.40 -17.47
CA GLU C 89 -14.88 -35.00 -17.74
C GLU C 89 -13.80 -34.44 -16.82
N ASP C 90 -13.50 -35.11 -15.71
CA ASP C 90 -12.50 -34.63 -14.77
C ASP C 90 -11.10 -35.12 -15.06
N SER C 91 -10.89 -35.86 -16.15
CA SER C 91 -9.55 -36.29 -16.52
C SER C 91 -8.81 -35.12 -17.15
N ALA C 92 -7.67 -34.75 -16.57
CA ALA C 92 -6.94 -33.57 -17.00
C ALA C 92 -5.61 -33.53 -16.28
N VAL C 93 -4.83 -32.48 -16.57
CA VAL C 93 -3.58 -32.20 -15.90
C VAL C 93 -3.81 -31.04 -14.93
N TYR C 94 -3.36 -31.20 -13.70
CA TYR C 94 -3.64 -30.25 -12.63
C TYR C 94 -2.35 -29.61 -12.16
N TYR C 95 -2.32 -28.27 -12.15
CA TYR C 95 -1.15 -27.50 -11.75
C TYR C 95 -1.47 -26.72 -10.48
N CYS C 96 -0.43 -26.50 -9.67
CA CYS C 96 -0.49 -25.58 -8.55
C CYS C 96 0.53 -24.47 -8.77
N ALA C 97 0.08 -23.23 -8.60
CA ALA C 97 0.90 -22.05 -8.85
C ALA C 97 1.03 -21.22 -7.59
N ARG C 98 2.23 -20.71 -7.34
CA ARG C 98 2.51 -19.93 -6.15
C ARG C 98 2.59 -18.46 -6.49
N GLY C 99 2.10 -17.62 -5.58
CA GLY C 99 2.22 -16.18 -5.71
C GLY C 99 0.88 -15.50 -5.96
N VAL C 100 0.86 -14.20 -5.71
CA VAL C 100 -0.34 -13.41 -5.93
C VAL C 100 -0.70 -13.36 -7.41
N ILE C 101 0.30 -13.53 -8.28
CA ILE C 101 0.08 -13.47 -9.73
C ILE C 101 0.64 -14.72 -10.40
N ARG C 102 0.66 -15.84 -9.67
CA ARG C 102 1.04 -17.14 -10.25
C ARG C 102 2.38 -17.04 -10.97
N ASP C 103 3.43 -16.72 -10.20
CA ASP C 103 4.76 -16.53 -10.80
C ASP C 103 5.62 -17.78 -10.73
N PHE C 104 5.14 -18.87 -10.14
CA PHE C 104 5.91 -20.11 -10.08
C PHE C 104 4.96 -21.28 -10.12
N TRP C 105 5.04 -22.07 -11.18
CA TRP C 105 4.11 -23.18 -11.41
C TRP C 105 4.73 -24.50 -11.00
N GLY C 106 3.89 -25.48 -10.72
CA GLY C 106 4.34 -26.81 -10.36
C GLY C 106 4.52 -27.70 -11.58
N GLN C 107 4.86 -28.96 -11.30
CA GLN C 107 5.16 -29.90 -12.38
C GLN C 107 3.89 -30.38 -13.08
N GLY C 108 2.83 -30.62 -12.34
CA GLY C 108 1.59 -31.10 -12.91
C GLY C 108 1.28 -32.52 -12.47
N THR C 109 -0.02 -32.81 -12.34
CA THR C 109 -0.52 -34.12 -11.97
C THR C 109 -1.55 -34.55 -12.99
N THR C 110 -1.41 -35.77 -13.51
CA THR C 110 -2.33 -36.31 -14.51
C THR C 110 -3.33 -37.21 -13.82
N LEU C 111 -4.62 -37.00 -14.09
CA LEU C 111 -5.70 -37.79 -13.53
C LEU C 111 -6.51 -38.41 -14.66
N THR C 112 -6.72 -39.72 -14.57
CA THR C 112 -7.57 -40.45 -15.51
C THR C 112 -8.64 -41.19 -14.74
N VAL C 113 -9.89 -40.91 -15.08
CA VAL C 113 -11.06 -41.49 -14.41
C VAL C 113 -11.71 -42.45 -15.39
N SER C 114 -11.44 -43.75 -15.23
CA SER C 114 -11.95 -44.75 -16.15
C SER C 114 -12.34 -46.00 -15.37
N SER C 115 -13.32 -46.73 -15.92
CA SER C 115 -13.76 -47.96 -15.28
C SER C 115 -12.99 -49.18 -15.76
N ALA C 116 -12.16 -49.04 -16.79
CA ALA C 116 -11.47 -50.17 -17.37
C ALA C 116 -10.36 -50.66 -16.46
N LYS C 117 -9.98 -51.92 -16.63
CA LYS C 117 -8.91 -52.54 -15.89
C LYS C 117 -7.66 -52.63 -16.76
N THR C 118 -6.55 -53.04 -16.15
CA THR C 118 -5.33 -53.26 -16.90
C THR C 118 -5.55 -54.31 -17.98
N THR C 119 -5.08 -54.02 -19.19
CA THR C 119 -5.33 -54.86 -20.34
C THR C 119 -4.10 -54.85 -21.26
N PRO C 120 -3.64 -56.01 -21.71
CA PRO C 120 -2.45 -56.05 -22.56
C PRO C 120 -2.77 -55.57 -23.97
N PRO C 121 -1.75 -55.16 -24.74
CA PRO C 121 -2.00 -54.64 -26.09
C PRO C 121 -2.14 -55.77 -27.10
N SER C 122 -2.87 -55.48 -28.19
CA SER C 122 -2.91 -56.38 -29.33
C SER C 122 -2.13 -55.77 -30.48
N VAL C 123 -1.29 -56.58 -31.12
CA VAL C 123 -0.37 -56.12 -32.17
C VAL C 123 -0.80 -56.75 -33.48
N TYR C 124 -1.14 -55.93 -34.47
CA TYR C 124 -1.48 -56.39 -35.80
C TYR C 124 -0.53 -55.75 -36.81
N PRO C 125 0.32 -56.50 -37.51
CA PRO C 125 1.25 -55.88 -38.45
C PRO C 125 0.51 -55.26 -39.62
N LEU C 126 1.02 -54.12 -40.10
CA LEU C 126 0.43 -53.43 -41.26
C LEU C 126 1.35 -53.68 -42.46
N ALA C 127 1.11 -54.81 -43.11
CA ALA C 127 1.98 -55.23 -44.21
C ALA C 127 1.45 -54.67 -45.53
N PRO C 128 2.27 -53.95 -46.29
CA PRO C 128 1.83 -53.48 -47.61
C PRO C 128 2.08 -54.51 -48.70
N GLY C 129 1.05 -54.72 -49.51
CA GLY C 129 1.12 -55.70 -50.58
C GLY C 129 1.49 -55.10 -51.92
N SER C 130 0.81 -54.01 -52.30
CA SER C 130 1.06 -53.36 -53.58
C SER C 130 2.04 -52.21 -53.37
N ALA C 131 3.11 -52.19 -54.17
CA ALA C 131 4.10 -51.13 -54.07
C ALA C 131 3.49 -49.77 -54.40
N ALA C 132 2.37 -49.77 -55.11
CA ALA C 132 1.69 -48.52 -55.45
C ALA C 132 1.24 -47.74 -54.21
N GLN C 133 1.12 -48.41 -53.06
CA GLN C 133 0.80 -47.71 -51.82
C GLN C 133 1.83 -46.63 -51.48
N THR C 134 2.98 -46.63 -52.14
CA THR C 134 4.00 -45.61 -51.96
C THR C 134 4.72 -45.41 -53.28
N ASN C 135 5.80 -44.62 -53.31
CA ASN C 135 6.45 -44.30 -54.58
C ASN C 135 7.96 -44.55 -54.54
N SER C 136 8.37 -45.79 -54.80
CA SER C 136 9.77 -46.18 -54.90
C SER C 136 10.45 -46.21 -53.54
N MET C 137 9.78 -45.68 -52.52
CA MET C 137 10.09 -45.91 -51.12
C MET C 137 8.91 -46.64 -50.49
N VAL C 138 9.17 -47.49 -49.50
CA VAL C 138 8.11 -48.32 -48.95
C VAL C 138 7.91 -47.99 -47.47
N THR C 139 6.65 -47.78 -47.10
CA THR C 139 6.29 -47.49 -45.71
C THR C 139 5.85 -48.76 -45.00
N LEU C 140 6.13 -48.81 -43.70
CA LEU C 140 5.77 -49.95 -42.87
C LEU C 140 5.33 -49.44 -41.50
N GLY C 141 4.51 -50.25 -40.82
CA GLY C 141 3.99 -49.83 -39.53
C GLY C 141 3.35 -50.98 -38.81
N CYS C 142 3.09 -50.75 -37.52
CA CYS C 142 2.42 -51.71 -36.65
C CYS C 142 1.23 -51.02 -35.98
N LEU C 143 0.22 -51.80 -35.65
CA LEU C 143 -0.99 -51.30 -35.01
C LEU C 143 -1.10 -51.87 -33.61
N VAL C 144 -1.35 -51.01 -32.63
CA VAL C 144 -1.53 -51.39 -31.24
C VAL C 144 -2.96 -51.02 -30.85
N LYS C 145 -3.71 -51.98 -30.34
CA LYS C 145 -5.13 -51.80 -30.09
C LYS C 145 -5.54 -52.48 -28.79
N GLY C 146 -6.40 -51.80 -28.04
CA GLY C 146 -7.05 -52.39 -26.89
C GLY C 146 -6.21 -52.50 -25.64
N TYR C 147 -5.21 -51.65 -25.46
CA TYR C 147 -4.41 -51.70 -24.25
C TYR C 147 -4.89 -50.68 -23.24
N PHE C 148 -4.37 -50.80 -22.01
CA PHE C 148 -4.69 -49.85 -20.94
C PHE C 148 -3.75 -50.13 -19.77
N PRO C 149 -3.19 -49.10 -19.12
CA PRO C 149 -3.23 -47.67 -19.44
C PRO C 149 -2.04 -47.25 -20.31
N GLU C 150 -1.86 -45.94 -20.53
CA GLU C 150 -0.66 -45.47 -21.20
C GLU C 150 0.55 -45.59 -20.28
N PRO C 151 1.77 -45.55 -20.83
CA PRO C 151 2.14 -45.48 -22.25
C PRO C 151 2.65 -46.81 -22.81
N VAL C 152 2.41 -47.06 -24.09
CA VAL C 152 3.06 -48.16 -24.79
C VAL C 152 4.13 -47.57 -25.70
N THR C 153 5.35 -48.08 -25.57
CA THR C 153 6.49 -47.58 -26.31
C THR C 153 6.79 -48.52 -27.46
N VAL C 154 7.03 -47.94 -28.64
CA VAL C 154 7.28 -48.70 -29.85
C VAL C 154 8.66 -48.36 -30.37
N THR C 155 9.45 -49.38 -30.65
CA THR C 155 10.77 -49.23 -31.26
C THR C 155 10.93 -50.27 -32.36
N TRP C 156 11.71 -49.91 -33.37
CA TRP C 156 11.86 -50.72 -34.57
C TRP C 156 13.25 -51.32 -34.62
N ASN C 157 13.32 -52.65 -34.77
CA ASN C 157 14.58 -53.38 -34.80
C ASN C 157 15.44 -53.01 -33.59
N SER C 158 14.80 -52.94 -32.43
CA SER C 158 15.45 -52.57 -31.18
C SER C 158 16.15 -51.22 -31.28
N GLY C 159 15.53 -50.25 -31.95
CA GLY C 159 16.10 -48.93 -32.10
C GLY C 159 17.06 -48.77 -33.25
N SER C 160 17.27 -49.81 -34.07
CA SER C 160 18.17 -49.71 -35.20
C SER C 160 17.70 -48.72 -36.26
N LEU C 161 16.41 -48.42 -36.29
CA LEU C 161 15.84 -47.47 -37.25
C LEU C 161 15.28 -46.28 -36.48
N SER C 162 15.69 -45.08 -36.89
CA SER C 162 15.27 -43.86 -36.21
C SER C 162 14.95 -42.74 -37.20
N SER C 163 14.90 -43.06 -38.48
CA SER C 163 14.60 -42.08 -39.52
C SER C 163 13.19 -42.31 -40.04
N GLY C 164 12.39 -41.24 -40.06
CA GLY C 164 11.03 -41.35 -40.51
C GLY C 164 10.15 -42.23 -39.65
N VAL C 165 10.49 -42.38 -38.37
CA VAL C 165 9.72 -43.23 -37.47
C VAL C 165 8.66 -42.39 -36.78
N HIS C 166 7.49 -42.28 -37.39
CA HIS C 166 6.39 -41.50 -36.84
C HIS C 166 5.51 -42.41 -35.98
N THR C 167 5.52 -42.15 -34.67
CA THR C 167 4.64 -42.84 -33.73
C THR C 167 3.57 -41.85 -33.30
N PHE C 168 2.31 -42.27 -33.38
CA PHE C 168 1.20 -41.35 -33.21
C PHE C 168 0.66 -41.42 -31.78
N PRO C 169 0.09 -40.32 -31.29
CA PRO C 169 -0.47 -40.34 -29.94
C PRO C 169 -1.68 -41.27 -29.84
N ALA C 170 -1.87 -41.81 -28.64
CA ALA C 170 -2.94 -42.77 -28.42
C ALA C 170 -4.31 -42.10 -28.50
N VAL C 171 -5.32 -42.90 -28.83
CA VAL C 171 -6.70 -42.46 -28.89
C VAL C 171 -7.53 -43.40 -28.02
N LEU C 172 -8.46 -42.85 -27.24
CA LEU C 172 -9.27 -43.64 -26.34
C LEU C 172 -10.50 -44.17 -27.06
N GLN C 173 -10.78 -45.46 -26.90
CA GLN C 173 -11.93 -46.09 -27.52
C GLN C 173 -12.56 -47.05 -26.51
N SER C 174 -13.70 -46.65 -25.94
CA SER C 174 -14.41 -47.48 -24.96
C SER C 174 -13.49 -47.85 -23.79
N ASP C 175 -12.78 -46.85 -23.28
CA ASP C 175 -11.88 -46.98 -22.14
C ASP C 175 -10.68 -47.88 -22.43
N LEU C 176 -10.48 -48.28 -23.67
CA LEU C 176 -9.27 -49.00 -24.10
C LEU C 176 -8.61 -48.21 -25.22
N TYR C 177 -7.29 -48.10 -25.15
CA TYR C 177 -6.56 -47.17 -26.00
C TYR C 177 -6.08 -47.86 -27.28
N THR C 178 -5.92 -47.05 -28.32
CA THR C 178 -5.42 -47.50 -29.62
C THR C 178 -4.26 -46.61 -30.04
N LEU C 179 -3.31 -47.20 -30.76
CA LEU C 179 -2.11 -46.49 -31.16
C LEU C 179 -1.56 -47.14 -32.42
N SER C 180 -0.72 -46.39 -33.14
CA SER C 180 -0.12 -46.88 -34.37
C SER C 180 1.24 -46.21 -34.56
N SER C 181 2.09 -46.86 -35.37
CA SER C 181 3.41 -46.35 -35.67
C SER C 181 3.73 -46.66 -37.13
N SER C 182 4.68 -45.91 -37.70
CA SER C 182 5.04 -46.07 -39.10
C SER C 182 6.51 -45.75 -39.29
N VAL C 183 7.10 -46.37 -40.33
CA VAL C 183 8.49 -46.11 -40.70
C VAL C 183 8.60 -46.25 -42.21
N THR C 184 9.68 -45.72 -42.76
CA THR C 184 9.98 -45.82 -44.18
C THR C 184 11.36 -46.43 -44.35
N VAL C 185 11.49 -47.36 -45.30
CA VAL C 185 12.74 -48.09 -45.51
C VAL C 185 13.11 -48.02 -46.99
N PRO C 186 14.39 -48.15 -47.34
CA PRO C 186 14.84 -47.96 -48.74
C PRO C 186 14.63 -49.15 -49.65
N SER C 187 13.40 -49.27 -50.17
CA SER C 187 13.05 -50.25 -51.20
C SER C 187 13.55 -51.65 -50.87
N SER C 188 13.52 -52.04 -49.60
CA SER C 188 13.97 -53.36 -49.19
C SER C 188 12.76 -54.16 -48.70
N PRO C 189 11.95 -54.72 -49.59
CA PRO C 189 10.73 -55.41 -49.17
C PRO C 189 11.02 -56.77 -48.57
N ARG C 190 9.97 -57.39 -48.07
CA ARG C 190 10.08 -58.71 -47.46
C ARG C 190 10.53 -59.72 -48.51
N PRO C 191 11.54 -60.56 -48.21
CA PRO C 191 12.37 -60.64 -47.00
C PRO C 191 13.73 -59.98 -47.17
N SER C 192 13.85 -59.00 -48.07
CA SER C 192 15.13 -58.32 -48.28
C SER C 192 15.64 -57.65 -47.02
N GLU C 193 14.76 -57.34 -46.07
CA GLU C 193 15.17 -56.78 -44.79
C GLU C 193 14.27 -57.39 -43.73
N THR C 194 14.73 -57.31 -42.48
CA THR C 194 14.11 -58.02 -41.36
C THR C 194 13.56 -57.04 -40.34
N VAL C 195 12.83 -56.02 -40.82
CA VAL C 195 12.18 -55.08 -39.93
C VAL C 195 11.36 -55.84 -38.90
N THR C 196 11.38 -55.35 -37.66
CA THR C 196 10.60 -55.94 -36.58
C THR C 196 10.27 -54.84 -35.58
N CYS C 197 8.99 -54.52 -35.47
CA CYS C 197 8.54 -53.50 -34.52
C CYS C 197 8.45 -54.10 -33.13
N ASN C 198 9.14 -53.48 -32.17
CA ASN C 198 9.21 -53.96 -30.80
C ASN C 198 8.28 -53.11 -29.94
N VAL C 199 7.37 -53.75 -29.23
CA VAL C 199 6.37 -53.08 -28.42
C VAL C 199 6.53 -53.49 -26.97
N ALA C 200 6.43 -52.51 -26.08
CA ALA C 200 6.53 -52.75 -24.64
C ALA C 200 5.41 -52.02 -23.92
N HIS C 201 4.80 -52.71 -22.96
CA HIS C 201 3.73 -52.15 -22.15
C HIS C 201 4.06 -52.38 -20.69
N PRO C 202 4.83 -51.47 -20.07
CA PRO C 202 5.27 -51.71 -18.68
C PRO C 202 4.12 -51.93 -17.71
N ALA C 203 2.99 -51.27 -17.90
CA ALA C 203 1.86 -51.44 -17.00
C ALA C 203 1.33 -52.86 -16.96
N SER C 204 1.24 -53.51 -18.12
CA SER C 204 0.90 -54.93 -18.20
C SER C 204 2.12 -55.83 -18.13
N SER C 205 3.32 -55.24 -18.02
CA SER C 205 4.55 -55.99 -17.84
C SER C 205 4.76 -56.99 -18.99
N THR C 206 4.57 -56.51 -20.21
CA THR C 206 4.73 -57.33 -21.40
C THR C 206 5.57 -56.60 -22.45
N LYS C 207 6.52 -57.34 -23.03
CA LYS C 207 7.28 -56.87 -24.18
C LYS C 207 7.10 -57.88 -25.30
N VAL C 208 6.71 -57.40 -26.48
CA VAL C 208 6.33 -58.25 -27.59
C VAL C 208 7.10 -57.82 -28.83
N ASP C 209 7.54 -58.79 -29.63
CA ASP C 209 8.23 -58.54 -30.88
C ASP C 209 7.38 -59.10 -32.01
N LYS C 210 7.10 -58.27 -33.01
CA LYS C 210 6.27 -58.64 -34.15
C LYS C 210 6.98 -58.28 -35.44
N LYS C 211 6.99 -59.21 -36.39
CA LYS C 211 7.57 -58.97 -37.70
C LYS C 211 6.49 -58.54 -38.69
N ILE C 212 6.94 -58.03 -39.83
CA ILE C 212 6.03 -57.63 -40.91
C ILE C 212 6.04 -58.69 -41.98
N GLU D 1 -0.68 26.83 28.50
CA GLU D 1 0.66 26.29 28.88
C GLU D 1 1.37 25.70 27.67
N ILE D 2 0.75 24.71 27.04
CA ILE D 2 1.33 24.10 25.85
C ILE D 2 1.29 25.11 24.73
N GLN D 3 2.44 25.34 24.08
CA GLN D 3 2.50 26.26 22.96
C GLN D 3 3.74 25.95 22.14
N LEU D 4 3.69 26.37 20.87
CA LEU D 4 4.80 26.21 19.93
C LEU D 4 5.12 27.57 19.36
N GLN D 5 6.39 27.98 19.44
CA GLN D 5 6.85 29.26 18.93
C GLN D 5 7.73 29.02 17.71
N GLN D 6 7.39 29.66 16.60
CA GLN D 6 8.09 29.50 15.34
C GLN D 6 8.98 30.70 15.05
N SER D 7 9.82 30.56 14.04
CA SER D 7 10.67 31.66 13.61
C SER D 7 9.86 32.68 12.82
N GLY D 8 10.47 33.84 12.58
CA GLY D 8 9.79 34.93 11.93
C GLY D 8 9.75 34.76 10.42
N PRO D 9 9.13 35.73 9.75
CA PRO D 9 8.98 35.64 8.30
C PRO D 9 10.32 35.61 7.59
N GLU D 10 10.37 34.91 6.47
CA GLU D 10 11.59 34.71 5.70
C GLU D 10 11.39 35.15 4.26
N ARG D 11 12.41 35.77 3.69
CA ARG D 11 12.41 36.18 2.29
C ARG D 11 13.66 35.62 1.63
N MET D 12 13.47 34.88 0.54
CA MET D 12 14.55 34.14 -0.10
C MET D 12 14.50 34.34 -1.61
N LYS D 13 15.65 34.20 -2.24
CA LYS D 13 15.71 34.25 -3.70
C LYS D 13 15.32 32.89 -4.28
N PRO D 14 14.76 32.85 -5.48
CA PRO D 14 14.42 31.56 -6.09
C PRO D 14 15.67 30.67 -6.21
N GLY D 15 15.47 29.37 -5.96
CA GLY D 15 16.56 28.42 -5.97
C GLY D 15 17.34 28.32 -4.68
N ALA D 16 17.03 29.15 -3.69
CA ALA D 16 17.72 29.09 -2.41
C ALA D 16 17.10 28.02 -1.52
N SER D 17 17.49 28.00 -0.24
CA SER D 17 16.92 27.07 0.71
C SER D 17 16.70 27.80 2.02
N VAL D 18 15.68 27.35 2.76
CA VAL D 18 15.30 27.97 4.03
C VAL D 18 15.12 26.87 5.06
N LYS D 19 15.26 27.25 6.34
CA LYS D 19 15.13 26.31 7.46
C LYS D 19 14.30 26.99 8.54
N ILE D 20 13.05 26.53 8.70
CA ILE D 20 12.19 27.05 9.75
C ILE D 20 12.42 26.27 11.03
N SER D 21 12.16 26.92 12.17
CA SER D 21 12.28 26.29 13.48
C SER D 21 10.98 26.45 14.25
N CYS D 22 10.77 25.55 15.19
CA CYS D 22 9.52 25.52 15.97
C CYS D 22 9.87 25.05 17.37
N LYS D 23 9.90 25.99 18.31
CA LYS D 23 10.29 25.70 19.69
C LYS D 23 9.05 25.32 20.49
N ALA D 24 9.10 24.15 21.13
CA ALA D 24 7.98 23.66 21.92
C ALA D 24 8.23 23.88 23.41
N SER D 25 7.14 24.06 24.14
CA SER D 25 7.23 24.29 25.58
C SER D 25 5.90 23.93 26.22
N GLY D 26 5.97 23.44 27.47
CA GLY D 26 4.79 23.13 28.24
C GLY D 26 4.41 21.67 28.27
N TYR D 27 5.26 20.77 27.76
CA TYR D 27 4.95 19.35 27.77
C TYR D 27 6.22 18.57 27.46
N SER D 28 6.12 17.25 27.57
CA SER D 28 7.25 16.38 27.27
C SER D 28 7.45 16.32 25.77
N PHE D 29 8.57 16.85 25.30
CA PHE D 29 8.77 17.05 23.87
C PHE D 29 8.80 15.72 23.10
N THR D 30 9.43 14.70 23.68
CA THR D 30 9.75 13.50 22.91
C THR D 30 8.61 12.50 22.85
N THR D 31 7.54 12.68 23.62
CA THR D 31 6.48 11.68 23.69
C THR D 31 5.34 11.94 22.72
N TYR D 32 5.43 12.97 21.88
CA TYR D 32 4.40 13.29 20.90
C TYR D 32 5.02 13.50 19.53
N TYR D 33 4.27 13.18 18.49
CA TYR D 33 4.69 13.47 17.13
C TYR D 33 4.52 14.94 16.80
N ILE D 34 5.32 15.41 15.85
CA ILE D 34 5.24 16.77 15.34
C ILE D 34 4.94 16.70 13.85
N HIS D 35 3.91 17.42 13.41
CA HIS D 35 3.52 17.44 12.01
C HIS D 35 3.70 18.85 11.46
N TRP D 36 3.82 18.95 10.14
CA TRP D 36 3.96 20.22 9.45
C TRP D 36 2.89 20.32 8.38
N VAL D 37 2.31 21.52 8.24
CA VAL D 37 1.20 21.77 7.31
C VAL D 37 1.51 23.02 6.51
N LYS D 38 1.10 23.02 5.24
CA LYS D 38 1.29 24.15 4.35
C LYS D 38 -0.08 24.70 3.94
N GLN D 39 -0.22 26.03 3.97
CA GLN D 39 -1.41 26.71 3.51
C GLN D 39 -1.05 27.65 2.37
N SER D 40 -1.59 27.38 1.19
CA SER D 40 -1.31 28.21 0.03
C SER D 40 -2.15 29.49 0.07
N HIS D 41 -1.96 30.33 -0.96
CA HIS D 41 -2.70 31.58 -1.02
C HIS D 41 -4.20 31.33 -1.17
N GLY D 42 -4.57 30.17 -1.71
CA GLY D 42 -5.97 29.79 -1.81
C GLY D 42 -6.50 29.27 -0.49
N ARG D 43 -5.67 29.32 0.54
CA ARG D 43 -6.00 28.94 1.91
C ARG D 43 -6.36 27.47 2.04
N SER D 44 -5.99 26.64 1.08
CA SER D 44 -6.15 25.19 1.24
C SER D 44 -4.98 24.62 2.02
N LEU D 45 -5.27 23.73 2.95
CA LEU D 45 -4.27 23.15 3.84
C LEU D 45 -3.68 21.90 3.22
N GLU D 46 -2.35 21.78 3.27
CA GLU D 46 -1.62 20.65 2.70
C GLU D 46 -0.76 20.03 3.78
N TRP D 47 -0.81 18.70 3.89
CA TRP D 47 -0.05 17.97 4.89
C TRP D 47 1.31 17.59 4.33
N ILE D 48 2.37 17.95 5.05
CA ILE D 48 3.73 17.67 4.60
C ILE D 48 4.23 16.34 5.14
N GLY D 49 4.31 16.20 6.46
CA GLY D 49 4.80 14.97 7.05
C GLY D 49 4.88 15.10 8.56
N TYR D 50 5.38 14.04 9.18
CA TYR D 50 5.55 13.99 10.62
C TYR D 50 6.90 13.40 10.95
N ILE D 51 7.39 13.72 12.15
CA ILE D 51 8.67 13.23 12.65
C ILE D 51 8.49 12.82 14.11
N ASP D 52 9.12 11.72 14.50
CA ASP D 52 9.08 11.25 15.88
C ASP D 52 10.28 11.84 16.61
N PRO D 53 10.09 12.77 17.55
CA PRO D 53 11.25 13.43 18.17
C PRO D 53 12.12 12.51 18.99
N PHE D 54 11.66 11.30 19.34
CA PHE D 54 12.47 10.39 20.14
C PHE D 54 13.55 9.70 19.31
N ASN D 55 13.16 9.07 18.21
CA ASN D 55 14.10 8.39 17.34
C ASN D 55 14.27 9.08 15.98
N ASP D 56 13.52 10.14 15.71
CA ASP D 56 13.69 10.97 14.52
C ASP D 56 13.26 10.28 13.23
N ASP D 57 12.41 9.25 13.32
CA ASP D 57 11.83 8.67 12.12
C ASP D 57 10.82 9.63 11.51
N THR D 58 10.77 9.66 10.18
CA THR D 58 9.94 10.61 9.46
C THR D 58 9.00 9.87 8.52
N ASN D 59 8.01 10.61 8.03
CA ASN D 59 7.06 10.12 7.04
C ASN D 59 6.60 11.30 6.21
N TYR D 60 6.83 11.25 4.91
CA TYR D 60 6.62 12.39 4.02
C TYR D 60 5.47 12.13 3.07
N ASN D 61 4.77 13.22 2.74
CA ASN D 61 3.84 13.20 1.62
C ASN D 61 4.62 13.09 0.32
N GLN D 62 4.17 12.21 -0.57
CA GLN D 62 4.86 12.05 -1.84
C GLN D 62 4.93 13.36 -2.60
N LYS D 63 3.96 14.25 -2.38
CA LYS D 63 4.00 15.58 -2.97
C LYS D 63 5.23 16.37 -2.55
N PHE D 64 5.76 16.12 -1.35
CA PHE D 64 6.87 16.88 -0.80
C PHE D 64 8.08 16.04 -0.43
N LYS D 65 8.11 14.75 -0.80
CA LYS D 65 9.14 13.86 -0.27
C LYS D 65 10.54 14.31 -0.67
N GLY D 66 10.72 14.74 -1.91
CA GLY D 66 12.04 15.10 -2.39
C GLY D 66 12.49 16.51 -2.08
N LYS D 67 11.65 17.32 -1.46
CA LYS D 67 11.97 18.72 -1.20
C LYS D 67 12.02 19.07 0.28
N ALA D 68 11.27 18.37 1.12
CA ALA D 68 11.18 18.70 2.53
C ALA D 68 12.06 17.77 3.36
N THR D 69 12.55 18.30 4.48
CA THR D 69 13.39 17.52 5.39
C THR D 69 13.08 17.97 6.81
N LEU D 70 12.66 17.02 7.65
CA LEU D 70 12.32 17.30 9.03
C LEU D 70 13.43 16.79 9.95
N THR D 71 13.78 17.60 10.95
CA THR D 71 14.81 17.25 11.91
C THR D 71 14.41 17.81 13.27
N VAL D 72 15.06 17.28 14.31
CA VAL D 72 14.73 17.62 15.69
C VAL D 72 16.01 17.87 16.47
N ASP D 73 15.90 18.64 17.53
CA ASP D 73 16.98 18.84 18.49
C ASP D 73 16.41 18.60 19.89
N LYS D 74 16.70 17.41 20.45
CA LYS D 74 16.11 17.03 21.72
C LYS D 74 16.59 17.93 22.86
N SER D 75 17.86 18.34 22.84
CA SER D 75 18.40 19.14 23.93
C SER D 75 17.63 20.43 24.11
N SER D 76 17.40 21.17 23.02
CA SER D 76 16.67 22.42 23.07
C SER D 76 15.18 22.26 22.82
N SER D 77 14.71 21.05 22.49
CA SER D 77 13.30 20.80 22.21
C SER D 77 12.80 21.69 21.08
N THR D 78 13.43 21.53 19.92
CA THR D 78 13.11 22.32 18.73
C THR D 78 12.96 21.41 17.53
N ALA D 79 12.04 21.77 16.63
CA ALA D 79 11.81 21.05 15.39
C ALA D 79 12.10 21.98 14.22
N TYR D 80 12.59 21.39 13.12
CA TYR D 80 13.02 22.15 11.97
C TYR D 80 12.32 21.68 10.71
N MET D 81 12.07 22.62 9.80
CA MET D 81 11.45 22.35 8.51
C MET D 81 12.36 22.96 7.44
N HIS D 82 13.01 22.11 6.66
CA HIS D 82 13.96 22.52 5.64
C HIS D 82 13.36 22.30 4.26
N LEU D 83 13.43 23.32 3.41
CA LEU D 83 12.86 23.27 2.07
C LEU D 83 13.91 23.75 1.08
N SER D 84 14.13 22.98 0.03
CA SER D 84 15.20 23.23 -0.92
C SER D 84 14.65 23.61 -2.30
N SER D 85 15.52 24.17 -3.13
CA SER D 85 15.18 24.60 -4.48
C SER D 85 13.88 25.39 -4.49
N LEU D 86 13.90 26.49 -3.74
CA LEU D 86 12.69 27.29 -3.57
C LEU D 86 12.24 27.89 -4.90
N THR D 87 10.93 27.84 -5.14
CA THR D 87 10.31 28.48 -6.29
C THR D 87 9.19 29.39 -5.78
N SER D 88 8.58 30.12 -6.70
CA SER D 88 7.49 31.01 -6.33
C SER D 88 6.32 30.24 -5.73
N GLU D 89 6.15 28.97 -6.13
CA GLU D 89 5.06 28.15 -5.61
C GLU D 89 5.26 27.77 -4.15
N ASP D 90 6.45 27.93 -3.60
CA ASP D 90 6.69 27.60 -2.20
C ASP D 90 6.28 28.71 -1.24
N SER D 91 5.98 29.90 -1.76
CA SER D 91 5.50 30.98 -0.91
C SER D 91 4.17 30.60 -0.26
N ALA D 92 4.15 30.51 1.06
CA ALA D 92 2.97 30.04 1.78
C ALA D 92 3.20 30.27 3.27
N VAL D 93 2.25 29.82 4.07
CA VAL D 93 2.39 29.81 5.53
C VAL D 93 2.52 28.37 5.98
N TYR D 94 3.49 28.12 6.86
CA TYR D 94 3.81 26.78 7.32
C TYR D 94 3.60 26.70 8.83
N TYR D 95 2.93 25.64 9.27
CA TYR D 95 2.58 25.46 10.68
C TYR D 95 3.21 24.19 11.21
N CYS D 96 3.68 24.25 12.45
CA CYS D 96 4.00 23.04 13.21
C CYS D 96 2.88 22.78 14.21
N ALA D 97 2.66 21.51 14.52
CA ALA D 97 1.56 21.13 15.39
C ALA D 97 1.89 19.84 16.12
N ARG D 98 1.30 19.70 17.31
CA ARG D 98 1.43 18.49 18.10
C ARG D 98 0.21 17.60 17.88
N SER D 99 0.43 16.29 17.78
CA SER D 99 -0.61 15.34 17.44
C SER D 99 -0.95 14.47 18.64
N TYR D 100 -2.25 14.37 18.93
CA TYR D 100 -2.76 13.45 19.93
C TYR D 100 -4.10 12.93 19.45
N TYR D 101 -4.28 11.61 19.53
CA TYR D 101 -5.52 10.97 19.10
C TYR D 101 -5.78 11.25 17.63
N GLY D 102 -4.72 11.47 16.88
CA GLY D 102 -4.83 11.74 15.45
C GLY D 102 -5.51 13.04 15.10
N SER D 103 -5.18 14.13 15.78
CA SER D 103 -5.96 15.35 15.67
C SER D 103 -5.18 16.63 15.41
N LEU D 104 -3.89 16.70 15.76
CA LEU D 104 -3.13 17.95 15.69
C LEU D 104 -3.78 19.00 16.60
N ASP D 105 -3.76 18.71 17.90
CA ASP D 105 -4.51 19.49 18.88
C ASP D 105 -3.92 20.86 19.16
N TYR D 106 -2.63 21.08 18.93
CA TYR D 106 -2.01 22.37 19.19
C TYR D 106 -1.19 22.80 17.98
N TRP D 107 -1.24 24.10 17.67
CA TRP D 107 -0.62 24.67 16.49
C TRP D 107 0.29 25.83 16.87
N GLY D 108 1.31 26.05 16.03
CA GLY D 108 2.08 27.27 16.11
C GLY D 108 1.41 28.42 15.40
N GLN D 109 2.01 29.61 15.51
CA GLN D 109 1.40 30.78 14.91
C GLN D 109 1.62 30.86 13.40
N GLY D 110 2.57 30.11 12.86
CA GLY D 110 2.79 30.08 11.43
C GLY D 110 3.88 31.03 10.98
N THR D 111 4.58 30.65 9.92
CA THR D 111 5.65 31.45 9.34
C THR D 111 5.35 31.71 7.88
N THR D 112 5.49 32.97 7.47
CA THR D 112 5.28 33.36 6.08
C THR D 112 6.60 33.32 5.33
N LEU D 113 6.65 32.54 4.26
CA LEU D 113 7.81 32.41 3.40
C LEU D 113 7.53 33.11 2.08
N THR D 114 8.44 34.00 1.68
CA THR D 114 8.31 34.75 0.44
C THR D 114 9.50 34.41 -0.46
N VAL D 115 9.22 33.93 -1.67
CA VAL D 115 10.23 33.59 -2.66
C VAL D 115 10.04 34.51 -3.84
N SER D 116 11.00 35.40 -4.08
CA SER D 116 10.86 36.40 -5.11
C SER D 116 12.23 36.92 -5.52
N SER D 117 12.37 37.25 -6.81
CA SER D 117 13.60 37.83 -7.33
C SER D 117 13.65 39.35 -7.15
N ALA D 118 12.61 39.95 -6.59
CA ALA D 118 12.55 41.39 -6.47
C ALA D 118 13.48 41.89 -5.36
N LYS D 119 13.62 43.21 -5.28
CA LYS D 119 14.41 43.84 -4.24
C LYS D 119 13.70 45.12 -3.81
N THR D 120 14.01 45.57 -2.60
CA THR D 120 13.28 46.68 -1.98
C THR D 120 13.07 47.82 -2.97
N THR D 121 11.86 48.39 -2.95
CA THR D 121 11.47 49.47 -3.83
C THR D 121 10.48 50.38 -3.10
N PRO D 122 10.59 51.69 -3.26
CA PRO D 122 9.66 52.59 -2.55
C PRO D 122 8.33 52.66 -3.26
N PRO D 123 7.26 53.01 -2.53
CA PRO D 123 5.94 53.10 -3.17
C PRO D 123 5.76 54.42 -3.89
N SER D 124 5.19 54.35 -5.10
CA SER D 124 4.78 55.54 -5.81
C SER D 124 3.29 55.79 -5.59
N VAL D 125 2.98 56.95 -5.05
CA VAL D 125 1.62 57.27 -4.60
C VAL D 125 1.03 58.34 -5.51
N TYR D 126 -0.16 58.08 -6.02
CA TYR D 126 -0.88 59.02 -6.88
C TYR D 126 -2.22 59.35 -6.25
N PRO D 127 -2.74 60.56 -6.48
CA PRO D 127 -4.06 60.90 -5.97
C PRO D 127 -5.16 60.60 -6.98
N LEU D 128 -6.33 60.28 -6.45
CA LEU D 128 -7.53 60.05 -7.26
C LEU D 128 -8.57 61.10 -6.91
N ALA D 129 -9.17 61.70 -7.93
CA ALA D 129 -10.18 62.73 -7.76
C ALA D 129 -11.37 62.42 -8.65
N PRO D 130 -12.57 62.89 -8.30
CA PRO D 130 -13.77 62.55 -9.09
C PRO D 130 -13.71 63.03 -10.52
N GLY D 131 -13.00 64.11 -10.83
CA GLY D 131 -12.93 64.61 -12.19
C GLY D 131 -13.66 65.92 -12.32
N SER D 132 -14.72 65.94 -13.14
CA SER D 132 -15.43 67.18 -13.40
C SER D 132 -16.07 67.75 -12.14
N ALA D 133 -16.84 66.94 -11.41
CA ALA D 133 -17.54 67.41 -10.23
C ALA D 133 -18.04 66.22 -9.44
N ALA D 134 -18.42 66.48 -8.19
CA ALA D 134 -19.01 65.46 -7.33
C ALA D 134 -20.41 65.14 -7.88
N GLN D 135 -20.56 63.92 -8.40
CA GLN D 135 -21.80 63.54 -9.07
C GLN D 135 -22.83 62.98 -8.10
N THR D 136 -22.65 63.25 -6.81
CA THR D 136 -23.64 62.85 -5.80
C THR D 136 -23.78 63.99 -4.81
N ASN D 137 -25.02 64.29 -4.43
CA ASN D 137 -25.26 65.46 -3.58
C ASN D 137 -24.84 65.21 -2.14
N SER D 138 -24.99 63.98 -1.63
CA SER D 138 -24.73 63.70 -0.23
C SER D 138 -23.31 63.22 0.02
N MET D 139 -22.91 62.12 -0.61
CA MET D 139 -21.62 61.49 -0.37
C MET D 139 -20.71 61.73 -1.56
N VAL D 140 -19.42 61.97 -1.28
CA VAL D 140 -18.39 62.05 -2.30
C VAL D 140 -17.22 61.19 -1.86
N THR D 141 -16.69 60.40 -2.78
CA THR D 141 -15.68 59.40 -2.46
C THR D 141 -14.34 59.76 -3.11
N LEU D 142 -13.26 59.54 -2.36
CA LEU D 142 -11.91 59.79 -2.83
C LEU D 142 -11.04 58.59 -2.47
N GLY D 143 -9.80 58.60 -2.97
CA GLY D 143 -8.91 57.48 -2.71
C GLY D 143 -7.50 57.79 -3.16
N CYS D 144 -6.59 56.89 -2.78
CA CYS D 144 -5.17 57.00 -3.13
C CYS D 144 -4.71 55.68 -3.74
N LEU D 145 -3.79 55.77 -4.68
CA LEU D 145 -3.25 54.61 -5.39
C LEU D 145 -1.79 54.42 -4.97
N VAL D 146 -1.47 53.21 -4.53
CA VAL D 146 -0.10 52.85 -4.15
C VAL D 146 0.34 51.74 -5.09
N LYS D 147 1.48 51.95 -5.76
CA LYS D 147 1.91 51.06 -6.84
C LYS D 147 3.42 50.89 -6.83
N GLY D 148 3.87 49.67 -7.14
CA GLY D 148 5.26 49.40 -7.42
C GLY D 148 6.15 49.19 -6.22
N TYR D 149 5.59 48.92 -5.04
CA TYR D 149 6.42 48.78 -3.85
C TYR D 149 6.70 47.30 -3.57
N PHE D 150 7.84 47.07 -2.90
CA PHE D 150 8.22 45.73 -2.45
C PHE D 150 9.21 45.90 -1.31
N PRO D 151 9.13 45.08 -0.25
CA PRO D 151 8.13 44.05 0.04
C PRO D 151 6.94 44.58 0.83
N GLU D 152 6.04 43.72 1.27
CA GLU D 152 4.99 44.14 2.18
C GLU D 152 5.55 44.38 3.58
N PRO D 153 4.80 45.08 4.44
CA PRO D 153 3.50 45.71 4.22
C PRO D 153 3.59 47.21 3.97
N VAL D 154 2.47 47.85 3.65
CA VAL D 154 2.39 49.30 3.53
C VAL D 154 1.13 49.76 4.26
N THR D 155 1.27 50.80 5.08
CA THR D 155 0.18 51.31 5.88
C THR D 155 -0.41 52.55 5.21
N VAL D 156 -1.71 52.75 5.41
CA VAL D 156 -2.43 53.89 4.86
C VAL D 156 -3.34 54.48 5.93
N THR D 157 -3.31 55.81 6.05
CA THR D 157 -4.24 56.52 6.92
C THR D 157 -4.54 57.87 6.30
N TRP D 158 -5.73 58.39 6.59
CA TRP D 158 -6.21 59.63 6.01
C TRP D 158 -6.21 60.71 7.09
N ASN D 159 -5.41 61.75 6.89
CA ASN D 159 -5.28 62.84 7.86
C ASN D 159 -4.95 62.30 9.25
N SER D 160 -4.08 61.29 9.29
CA SER D 160 -3.68 60.65 10.54
C SER D 160 -4.87 60.11 11.32
N GLY D 161 -5.95 59.73 10.63
CA GLY D 161 -7.13 59.19 11.26
C GLY D 161 -8.19 60.22 11.61
N SER D 162 -8.02 61.47 11.18
CA SER D 162 -8.99 62.50 11.50
C SER D 162 -10.30 62.33 10.74
N LEU D 163 -10.26 61.75 9.54
CA LEU D 163 -11.44 61.58 8.69
C LEU D 163 -11.58 60.11 8.29
N SER D 164 -11.45 59.23 9.28
CA SER D 164 -11.60 57.80 9.08
C SER D 164 -13.08 57.43 9.26
N SER D 165 -13.36 56.14 9.38
CA SER D 165 -14.73 55.63 9.60
C SER D 165 -15.53 55.61 8.32
N GLY D 166 -14.94 56.07 7.21
CA GLY D 166 -15.53 55.93 5.91
C GLY D 166 -14.50 55.45 4.91
N VAL D 167 -13.57 54.62 5.39
CA VAL D 167 -12.36 54.26 4.66
C VAL D 167 -12.37 52.77 4.36
N HIS D 168 -12.13 52.42 3.10
CA HIS D 168 -11.94 51.05 2.67
C HIS D 168 -10.57 50.92 2.04
N THR D 169 -9.67 50.19 2.70
CA THR D 169 -8.34 49.92 2.18
C THR D 169 -8.31 48.48 1.69
N PHE D 170 -7.96 48.30 0.42
CA PHE D 170 -8.04 46.99 -0.21
C PHE D 170 -6.73 46.23 -0.10
N PRO D 171 -6.78 44.90 -0.05
CA PRO D 171 -5.54 44.13 0.06
C PRO D 171 -4.66 44.29 -1.17
N ALA D 172 -3.36 44.15 -0.95
CA ALA D 172 -2.39 44.31 -2.04
C ALA D 172 -2.49 43.15 -3.03
N VAL D 173 -2.25 43.47 -4.30
CA VAL D 173 -2.28 42.49 -5.38
C VAL D 173 -0.94 42.54 -6.10
N LEU D 174 -0.34 41.37 -6.30
CA LEU D 174 0.99 41.27 -6.87
C LEU D 174 0.97 41.51 -8.37
N GLN D 175 2.04 42.11 -8.89
CA GLN D 175 2.14 42.42 -10.31
C GLN D 175 3.62 42.43 -10.70
N SER D 176 4.05 41.43 -11.46
CA SER D 176 5.42 41.33 -11.94
C SER D 176 6.42 41.47 -10.80
N ASP D 177 6.11 40.79 -9.69
CA ASP D 177 6.93 40.75 -8.49
C ASP D 177 6.98 42.09 -7.76
N LEU D 178 6.18 43.07 -8.17
CA LEU D 178 6.00 44.31 -7.43
C LEU D 178 4.52 44.47 -7.10
N TYR D 179 4.26 44.92 -5.88
CA TYR D 179 2.90 44.96 -5.35
C TYR D 179 2.19 46.26 -5.74
N THR D 180 0.87 46.23 -5.63
CA THR D 180 0.02 47.39 -5.86
C THR D 180 -1.10 47.39 -4.82
N LEU D 181 -1.58 48.57 -4.49
CA LEU D 181 -2.61 48.70 -3.45
C LEU D 181 -3.34 50.02 -3.65
N SER D 182 -4.59 50.05 -3.18
CA SER D 182 -5.43 51.24 -3.30
C SER D 182 -6.27 51.38 -2.04
N SER D 183 -6.74 52.60 -1.80
CA SER D 183 -7.57 52.91 -0.65
C SER D 183 -8.67 53.87 -1.09
N SER D 184 -9.76 53.89 -0.33
CA SER D 184 -10.90 54.75 -0.63
C SER D 184 -11.39 55.43 0.64
N VAL D 185 -11.90 56.65 0.48
CA VAL D 185 -12.51 57.41 1.57
C VAL D 185 -13.73 58.12 1.03
N THR D 186 -14.77 58.22 1.86
CA THR D 186 -15.98 58.95 1.50
C THR D 186 -16.30 59.96 2.59
N VAL D 187 -16.51 61.20 2.17
CA VAL D 187 -16.80 62.30 3.09
C VAL D 187 -17.98 63.10 2.55
N PRO D 188 -18.62 63.89 3.41
CA PRO D 188 -19.78 64.67 2.95
C PRO D 188 -19.42 65.55 1.76
N SER D 189 -20.33 65.62 0.79
CA SER D 189 -20.06 66.34 -0.44
C SER D 189 -19.69 67.78 -0.20
N SER D 190 -20.20 68.40 0.88
CA SER D 190 -19.87 69.78 1.17
C SER D 190 -18.47 69.92 1.74
N THR D 191 -17.97 68.89 2.44
CA THR D 191 -16.68 68.98 3.10
C THR D 191 -15.50 68.98 2.15
N TRP D 192 -15.71 68.66 0.87
CA TRP D 192 -14.63 68.63 -0.10
C TRP D 192 -15.09 69.35 -1.36
N PRO D 193 -14.23 70.17 -1.99
CA PRO D 193 -12.85 70.53 -1.59
C PRO D 193 -12.79 71.50 -0.42
N SER D 194 -13.87 71.66 0.35
CA SER D 194 -13.87 72.62 1.45
C SER D 194 -12.93 72.25 2.58
N GLU D 195 -12.45 71.00 2.64
CA GLU D 195 -11.55 70.55 3.69
C GLU D 195 -10.39 69.79 3.08
N THR D 196 -9.27 69.78 3.80
CA THR D 196 -8.02 69.18 3.31
C THR D 196 -8.01 67.67 3.57
N VAL D 197 -8.68 66.94 2.67
CA VAL D 197 -8.62 65.49 2.71
C VAL D 197 -7.36 65.03 2.03
N THR D 198 -6.52 64.29 2.74
CA THR D 198 -5.23 63.85 2.21
C THR D 198 -4.86 62.54 2.88
N CYS D 199 -4.19 61.67 2.12
CA CYS D 199 -3.81 60.35 2.60
C CYS D 199 -2.32 60.29 2.89
N ASN D 200 -1.96 59.54 3.93
CA ASN D 200 -0.58 59.34 4.34
C ASN D 200 -0.22 57.87 4.18
N VAL D 201 0.88 57.60 3.49
CA VAL D 201 1.32 56.24 3.20
C VAL D 201 2.71 56.05 3.80
N ALA D 202 2.90 54.91 4.47
CA ALA D 202 4.16 54.61 5.12
C ALA D 202 4.63 53.21 4.72
N HIS D 203 5.92 53.09 4.43
CA HIS D 203 6.54 51.83 4.02
C HIS D 203 7.74 51.59 4.92
N PRO D 204 7.57 50.87 6.03
CA PRO D 204 8.68 50.68 6.96
C PRO D 204 9.94 50.11 6.32
N ALA D 205 9.79 49.17 5.39
CA ALA D 205 10.95 48.54 4.77
C ALA D 205 11.92 49.54 4.16
N SER D 206 11.42 50.66 3.63
CA SER D 206 12.26 51.72 3.09
C SER D 206 12.34 52.93 4.01
N SER D 207 11.57 52.97 5.08
CA SER D 207 11.59 54.09 6.04
C SER D 207 11.22 55.40 5.32
N THR D 208 10.05 55.41 4.70
CA THR D 208 9.56 56.58 4.00
C THR D 208 8.07 56.81 4.29
N GLU E 1 -19.14 -14.30 -15.34
CA GLU E 1 -17.78 -14.45 -15.92
C GLU E 1 -17.64 -13.60 -17.18
N LEU E 2 -16.40 -13.42 -17.63
CA LEU E 2 -16.13 -12.68 -18.85
C LEU E 2 -15.19 -13.50 -19.72
N VAL E 3 -15.40 -13.42 -21.03
CA VAL E 3 -14.70 -14.25 -22.01
C VAL E 3 -13.50 -13.50 -22.52
N MET E 4 -12.37 -14.20 -22.65
CA MET E 4 -11.15 -13.67 -23.25
C MET E 4 -10.94 -14.39 -24.57
N THR E 5 -10.84 -13.63 -25.66
CA THR E 5 -10.72 -14.18 -27.00
C THR E 5 -9.39 -13.74 -27.59
N GLN E 6 -8.62 -14.71 -28.07
CA GLN E 6 -7.30 -14.45 -28.64
C GLN E 6 -7.34 -14.58 -30.17
N THR E 7 -6.43 -13.87 -30.83
CA THR E 7 -6.32 -13.88 -32.28
C THR E 7 -4.86 -13.65 -32.65
N PRO E 8 -4.31 -14.42 -33.59
CA PRO E 8 -4.89 -15.54 -34.34
C PRO E 8 -4.87 -16.83 -33.54
N LEU E 9 -5.48 -17.91 -34.05
CA LEU E 9 -5.39 -19.19 -33.38
C LEU E 9 -4.02 -19.83 -33.57
N SER E 10 -3.41 -19.65 -34.75
CA SER E 10 -2.08 -20.13 -35.03
C SER E 10 -1.28 -19.03 -35.71
N LEU E 11 -0.02 -18.88 -35.33
CA LEU E 11 0.86 -17.82 -35.83
C LEU E 11 2.15 -18.43 -36.34
N PRO E 12 2.18 -18.89 -37.59
CA PRO E 12 3.43 -19.45 -38.14
C PRO E 12 4.40 -18.35 -38.50
N VAL E 13 5.61 -18.43 -37.92
CA VAL E 13 6.64 -17.42 -38.11
C VAL E 13 7.96 -18.12 -38.39
N SER E 14 8.87 -17.39 -39.04
CA SER E 14 10.23 -17.86 -39.26
C SER E 14 11.15 -17.25 -38.22
N LEU E 15 12.23 -17.96 -37.92
CA LEU E 15 13.18 -17.49 -36.91
C LEU E 15 13.76 -16.13 -37.31
N GLY E 16 13.40 -15.08 -36.57
CA GLY E 16 13.94 -13.75 -36.78
C GLY E 16 12.91 -12.67 -36.97
N ASP E 17 11.69 -12.99 -37.41
CA ASP E 17 10.71 -11.97 -37.72
C ASP E 17 10.03 -11.46 -36.46
N GLN E 18 9.15 -10.48 -36.65
CA GLN E 18 8.41 -9.87 -35.56
C GLN E 18 7.03 -10.49 -35.47
N ALA E 19 6.66 -10.90 -34.26
CA ALA E 19 5.41 -11.63 -34.03
C ALA E 19 4.52 -10.85 -33.07
N SER E 20 3.24 -10.75 -33.41
CA SER E 20 2.26 -10.04 -32.60
C SER E 20 1.02 -10.89 -32.43
N ILE E 21 0.51 -10.96 -31.21
CA ILE E 21 -0.72 -11.67 -30.90
C ILE E 21 -1.63 -10.74 -30.11
N SER E 22 -2.94 -10.94 -30.27
CA SER E 22 -3.95 -10.05 -29.71
C SER E 22 -4.89 -10.81 -28.79
N CYS E 23 -5.37 -10.12 -27.75
CA CYS E 23 -6.30 -10.67 -26.79
C CYS E 23 -7.33 -9.60 -26.46
N ARG E 24 -8.60 -9.88 -26.78
CA ARG E 24 -9.69 -8.92 -26.59
C ARG E 24 -10.61 -9.43 -25.50
N SER E 25 -10.97 -8.54 -24.58
CA SER E 25 -11.87 -8.89 -23.49
C SER E 25 -13.32 -8.55 -23.84
N SER E 26 -14.24 -9.21 -23.14
CA SER E 26 -15.66 -8.96 -23.33
C SER E 26 -16.18 -7.78 -22.52
N GLN E 27 -15.44 -7.32 -21.52
CA GLN E 27 -15.87 -6.21 -20.69
C GLN E 27 -14.64 -5.58 -20.04
N ASN E 28 -14.83 -4.37 -19.51
CA ASN E 28 -13.73 -3.69 -18.85
C ASN E 28 -13.22 -4.53 -17.67
N ILE E 29 -11.90 -4.62 -17.57
CA ILE E 29 -11.27 -5.51 -16.59
C ILE E 29 -10.37 -4.72 -15.65
N VAL E 30 -10.73 -3.47 -15.37
CA VAL E 30 -10.01 -2.68 -14.38
C VAL E 30 -10.53 -3.05 -13.00
N HIS E 31 -9.62 -3.27 -12.07
CA HIS E 31 -9.98 -3.63 -10.71
C HIS E 31 -10.54 -2.41 -9.97
N ASN E 32 -11.20 -2.68 -8.84
CA ASN E 32 -11.77 -1.59 -8.05
C ASN E 32 -10.68 -0.67 -7.50
N ASN E 33 -9.45 -1.12 -7.41
CA ASN E 33 -8.34 -0.30 -6.94
C ASN E 33 -7.60 0.40 -8.06
N GLY E 34 -8.02 0.24 -9.30
CA GLY E 34 -7.44 0.95 -10.42
C GLY E 34 -6.36 0.21 -11.17
N ASN E 35 -5.94 -0.96 -10.70
CA ASN E 35 -4.95 -1.75 -11.43
C ASN E 35 -5.64 -2.72 -12.38
N THR E 36 -5.03 -2.90 -13.55
CA THR E 36 -5.52 -3.85 -14.55
C THR E 36 -4.64 -5.08 -14.50
N TYR E 37 -5.23 -6.22 -14.12
CA TYR E 37 -4.49 -7.46 -13.95
C TYR E 37 -4.63 -8.32 -15.21
N LEU E 38 -3.88 -7.94 -16.23
CA LEU E 38 -3.77 -8.72 -17.46
C LEU E 38 -2.41 -9.38 -17.51
N GLU E 39 -2.40 -10.68 -17.80
CA GLU E 39 -1.19 -11.49 -17.74
C GLU E 39 -0.98 -12.21 -19.07
N TRP E 40 0.27 -12.56 -19.34
CA TRP E 40 0.63 -13.39 -20.48
C TRP E 40 1.46 -14.56 -19.98
N TYR E 41 1.08 -15.77 -20.40
CA TYR E 41 1.77 -17.00 -20.01
C TYR E 41 2.23 -17.74 -21.26
N LEU E 42 3.29 -18.53 -21.11
CA LEU E 42 3.82 -19.35 -22.18
C LEU E 42 3.94 -20.79 -21.70
N GLN E 43 3.43 -21.71 -22.49
CA GLN E 43 3.60 -23.15 -22.26
C GLN E 43 4.38 -23.74 -23.41
N SER E 44 5.54 -24.32 -23.11
CA SER E 44 6.39 -24.93 -24.11
C SER E 44 6.16 -26.43 -24.16
N PRO E 45 6.51 -27.08 -25.29
CA PRO E 45 6.25 -28.52 -25.42
C PRO E 45 6.74 -29.33 -24.23
N GLY E 46 5.83 -30.00 -23.54
CA GLY E 46 6.20 -30.83 -22.42
C GLY E 46 6.63 -30.08 -21.18
N GLN E 47 6.21 -28.83 -21.02
CA GLN E 47 6.56 -28.02 -19.86
C GLN E 47 5.32 -27.30 -19.35
N SER E 48 5.36 -26.93 -18.07
CA SER E 48 4.27 -26.19 -17.47
C SER E 48 4.34 -24.72 -17.87
N PRO E 49 3.21 -24.01 -17.80
CA PRO E 49 3.23 -22.60 -18.21
C PRO E 49 4.13 -21.75 -17.32
N LYS E 50 4.69 -20.69 -17.90
CA LYS E 50 5.51 -19.74 -17.16
C LYS E 50 5.08 -18.32 -17.50
N LEU E 51 5.26 -17.42 -16.54
CA LEU E 51 4.78 -16.05 -16.67
C LEU E 51 5.74 -15.22 -17.53
N LEU E 52 5.16 -14.33 -18.33
CA LEU E 52 5.93 -13.41 -19.17
C LEU E 52 5.74 -11.96 -18.76
N ILE E 53 4.49 -11.48 -18.75
CA ILE E 53 4.17 -10.09 -18.44
C ILE E 53 3.02 -10.09 -17.44
N TYR E 54 3.15 -9.32 -16.36
CA TYR E 54 2.25 -9.46 -15.23
C TYR E 54 1.30 -8.30 -15.01
N LYS E 55 1.54 -7.13 -15.58
CA LYS E 55 0.58 -6.03 -15.44
C LYS E 55 0.38 -5.30 -16.76
N VAL E 56 0.14 -6.05 -17.84
CA VAL E 56 -0.12 -5.50 -19.17
C VAL E 56 1.20 -5.15 -19.83
N SER E 57 1.99 -4.29 -19.18
CA SER E 57 3.25 -3.81 -19.75
C SER E 57 4.49 -4.28 -19.01
N ASN E 58 4.36 -4.68 -17.74
CA ASN E 58 5.52 -5.05 -16.95
C ASN E 58 6.10 -6.38 -17.41
N ARG E 59 7.41 -6.54 -17.28
CA ARG E 59 8.06 -7.80 -17.58
C ARG E 59 8.48 -8.50 -16.30
N PHE E 60 8.14 -9.78 -16.19
CA PHE E 60 8.51 -10.56 -15.03
C PHE E 60 10.04 -10.68 -14.96
N SER E 61 10.55 -10.72 -13.72
CA SER E 61 11.98 -10.74 -13.50
C SER E 61 12.59 -11.96 -14.18
N GLY E 62 13.43 -11.72 -15.20
CA GLY E 62 14.12 -12.77 -15.91
C GLY E 62 13.63 -13.02 -17.32
N VAL E 63 12.66 -12.25 -17.80
CA VAL E 63 12.13 -12.43 -19.15
C VAL E 63 12.96 -11.59 -20.11
N PRO E 64 13.49 -12.16 -21.20
CA PRO E 64 14.30 -11.37 -22.13
C PRO E 64 13.55 -10.16 -22.65
N ASP E 65 14.29 -9.27 -23.31
CA ASP E 65 13.71 -8.03 -23.84
C ASP E 65 12.90 -8.26 -25.11
N ARG E 66 12.97 -9.45 -25.70
CA ARG E 66 12.20 -9.72 -26.91
C ARG E 66 10.71 -9.42 -26.72
N PHE E 67 10.18 -9.70 -25.53
CA PHE E 67 8.75 -9.61 -25.27
C PHE E 67 8.38 -8.22 -24.77
N SER E 68 7.26 -7.71 -25.26
CA SER E 68 6.77 -6.40 -24.86
C SER E 68 5.25 -6.41 -24.92
N GLY E 69 4.62 -6.12 -23.79
CA GLY E 69 3.16 -6.09 -23.71
C GLY E 69 2.65 -4.66 -23.75
N SER E 70 1.49 -4.48 -24.35
CA SER E 70 0.88 -3.15 -24.46
C SER E 70 -0.62 -3.32 -24.68
N GLY E 71 -1.34 -2.22 -24.48
CA GLY E 71 -2.78 -2.21 -24.67
C GLY E 71 -3.49 -1.46 -23.57
N SER E 72 -4.81 -1.32 -23.68
CA SER E 72 -5.59 -0.63 -22.65
C SER E 72 -7.07 -0.82 -22.93
N GLY E 73 -7.84 -0.86 -21.86
CA GLY E 73 -9.29 -0.87 -21.94
C GLY E 73 -9.92 -2.21 -22.21
N THR E 74 -9.90 -2.66 -23.47
CA THR E 74 -10.51 -3.93 -23.82
C THR E 74 -9.65 -4.75 -24.79
N ASP E 75 -8.67 -4.10 -25.42
CA ASP E 75 -7.81 -4.75 -26.39
C ASP E 75 -6.36 -4.64 -25.95
N PHE E 76 -5.67 -5.79 -25.97
CA PHE E 76 -4.27 -5.86 -25.56
C PHE E 76 -3.51 -6.72 -26.56
N THR E 77 -2.21 -6.49 -26.65
CA THR E 77 -1.36 -7.20 -27.59
C THR E 77 -0.02 -7.54 -26.95
N LEU E 78 0.52 -8.69 -27.33
CA LEU E 78 1.88 -9.08 -26.98
C LEU E 78 2.71 -9.12 -28.25
N LYS E 79 3.90 -8.53 -28.21
CA LYS E 79 4.77 -8.43 -29.37
C LYS E 79 6.13 -9.04 -29.05
N ILE E 80 6.69 -9.75 -30.02
CA ILE E 80 8.01 -10.34 -29.91
C ILE E 80 8.89 -9.77 -31.01
N SER E 81 9.89 -8.98 -30.63
CA SER E 81 10.71 -8.27 -31.59
C SER E 81 11.42 -9.20 -32.57
N ARG E 82 12.12 -10.21 -32.06
CA ARG E 82 12.78 -11.19 -32.89
C ARG E 82 12.52 -12.58 -32.31
N VAL E 83 12.12 -13.50 -33.19
CA VAL E 83 11.63 -14.81 -32.76
C VAL E 83 12.80 -15.78 -32.74
N GLU E 84 13.02 -16.40 -31.59
CA GLU E 84 14.03 -17.45 -31.43
C GLU E 84 13.35 -18.79 -31.19
N ALA E 85 14.16 -19.85 -31.15
CA ALA E 85 13.62 -21.19 -30.92
C ALA E 85 12.97 -21.31 -29.55
N GLU E 86 13.47 -20.56 -28.56
CA GLU E 86 12.95 -20.61 -27.21
C GLU E 86 11.53 -20.07 -27.11
N ASP E 87 11.04 -19.35 -28.11
CA ASP E 87 9.74 -18.69 -28.04
C ASP E 87 8.62 -19.53 -28.63
N LEU E 88 8.88 -20.77 -29.01
CA LEU E 88 7.86 -21.61 -29.64
C LEU E 88 7.02 -22.29 -28.57
N GLY E 89 5.72 -22.18 -28.68
CA GLY E 89 4.80 -22.77 -27.72
C GLY E 89 3.42 -22.17 -27.87
N VAL E 90 2.62 -22.30 -26.81
CA VAL E 90 1.24 -21.80 -26.78
C VAL E 90 1.20 -20.64 -25.81
N TYR E 91 0.64 -19.52 -26.26
CA TYR E 91 0.58 -18.28 -25.48
C TYR E 91 -0.84 -18.06 -24.99
N TYR E 92 -0.98 -17.74 -23.71
CA TYR E 92 -2.28 -17.52 -23.09
C TYR E 92 -2.33 -16.13 -22.47
N CYS E 93 -3.44 -15.43 -22.67
CA CYS E 93 -3.69 -14.21 -21.93
C CYS E 93 -4.63 -14.51 -20.75
N PHE E 94 -4.47 -13.73 -19.69
CA PHE E 94 -5.14 -14.00 -18.43
C PHE E 94 -5.62 -12.71 -17.81
N GLN E 95 -6.84 -12.72 -17.30
CA GLN E 95 -7.41 -11.60 -16.56
C GLN E 95 -7.65 -12.03 -15.12
N GLY E 96 -7.17 -11.22 -14.18
CA GLY E 96 -7.32 -11.52 -12.77
C GLY E 96 -7.96 -10.37 -12.01
N SER E 97 -8.92 -9.70 -12.65
CA SER E 97 -9.58 -8.55 -12.06
C SER E 97 -10.93 -8.92 -11.46
N HIS E 98 -11.76 -9.68 -12.20
CA HIS E 98 -13.10 -10.04 -11.76
C HIS E 98 -13.17 -11.54 -11.51
N VAL E 99 -13.70 -11.92 -10.36
CA VAL E 99 -13.90 -13.33 -10.04
C VAL E 99 -15.09 -13.85 -10.84
N PRO E 100 -14.98 -15.02 -11.49
CA PRO E 100 -13.84 -15.93 -11.57
C PRO E 100 -12.77 -15.46 -12.55
N PHE E 101 -11.52 -15.83 -12.32
CA PHE E 101 -10.46 -15.50 -13.26
C PHE E 101 -10.53 -16.41 -14.48
N THR E 102 -10.15 -15.88 -15.64
CA THR E 102 -10.27 -16.60 -16.89
C THR E 102 -8.98 -16.51 -17.69
N PHE E 103 -8.70 -17.56 -18.47
CA PHE E 103 -7.56 -17.61 -19.36
C PHE E 103 -7.99 -17.35 -20.79
N GLY E 104 -7.02 -17.01 -21.63
CA GLY E 104 -7.29 -16.86 -23.05
C GLY E 104 -7.42 -18.20 -23.75
N SER E 105 -8.02 -18.17 -24.94
CA SER E 105 -8.26 -19.39 -25.69
C SER E 105 -6.97 -20.10 -26.10
N GLY E 106 -5.84 -19.40 -26.12
CA GLY E 106 -4.58 -20.01 -26.46
C GLY E 106 -4.18 -19.82 -27.90
N THR E 107 -2.94 -19.41 -28.14
CA THR E 107 -2.42 -19.19 -29.49
C THR E 107 -1.09 -19.93 -29.62
N LYS E 108 -0.99 -20.77 -30.65
CA LYS E 108 0.23 -21.52 -30.91
C LYS E 108 1.07 -20.78 -31.94
N LEU E 109 2.34 -20.57 -31.62
CA LEU E 109 3.30 -19.91 -32.50
C LEU E 109 4.30 -20.96 -32.99
N GLU E 110 4.31 -21.21 -34.30
CA GLU E 110 5.05 -22.32 -34.88
C GLU E 110 5.97 -21.81 -35.97
N ILE E 111 6.70 -22.74 -36.58
CA ILE E 111 7.70 -22.41 -37.58
C ILE E 111 7.03 -22.27 -38.94
N LYS E 112 7.50 -21.32 -39.74
CA LYS E 112 7.05 -21.18 -41.12
C LYS E 112 7.98 -21.96 -42.04
N ARG E 113 7.41 -22.57 -43.07
CA ARG E 113 8.21 -23.29 -44.06
C ARG E 113 7.38 -23.53 -45.31
N ALA E 114 8.05 -24.02 -46.35
CA ALA E 114 7.43 -24.13 -47.66
C ALA E 114 6.44 -25.29 -47.72
N ASP E 115 5.45 -25.17 -48.60
CA ASP E 115 4.40 -26.16 -48.71
C ASP E 115 4.96 -27.49 -49.19
N ALA E 116 4.31 -28.57 -48.77
CA ALA E 116 4.69 -29.92 -49.17
C ALA E 116 3.46 -30.82 -49.08
N ALA E 117 3.30 -31.71 -50.08
CA ALA E 117 2.12 -32.56 -50.15
C ALA E 117 2.31 -33.83 -49.33
N PRO E 118 1.22 -34.48 -48.92
CA PRO E 118 1.35 -35.66 -48.06
C PRO E 118 1.67 -36.91 -48.88
N THR E 119 2.55 -37.75 -48.34
CA THR E 119 2.88 -39.04 -48.94
C THR E 119 1.91 -40.08 -48.41
N VAL E 120 0.70 -40.06 -48.98
CA VAL E 120 -0.40 -40.87 -48.46
C VAL E 120 -0.11 -42.34 -48.71
N SER E 121 -0.42 -43.17 -47.71
CA SER E 121 -0.24 -44.61 -47.80
C SER E 121 -1.47 -45.31 -47.23
N ILE E 122 -1.71 -46.54 -47.69
CA ILE E 122 -2.82 -47.35 -47.22
C ILE E 122 -2.32 -48.74 -46.90
N PHE E 123 -3.01 -49.42 -45.99
CA PHE E 123 -2.73 -50.80 -45.63
C PHE E 123 -4.03 -51.54 -45.41
N PRO E 124 -4.04 -52.86 -45.58
CA PRO E 124 -5.25 -53.64 -45.32
C PRO E 124 -5.28 -54.10 -43.87
N PRO E 125 -6.43 -54.58 -43.40
CA PRO E 125 -6.43 -55.27 -42.11
C PRO E 125 -5.63 -56.56 -42.21
N SER E 126 -4.88 -56.86 -41.16
CA SER E 126 -4.03 -58.04 -41.16
C SER E 126 -4.88 -59.31 -41.12
N SER E 127 -4.40 -60.34 -41.80
CA SER E 127 -5.09 -61.63 -41.75
C SER E 127 -5.19 -62.14 -40.32
N GLU E 128 -4.18 -61.83 -39.50
CA GLU E 128 -4.24 -62.22 -38.10
C GLU E 128 -5.39 -61.55 -37.38
N GLN E 129 -5.65 -60.27 -37.67
CA GLN E 129 -6.78 -59.59 -37.06
C GLN E 129 -8.10 -60.25 -37.45
N LEU E 130 -8.25 -60.61 -38.73
CA LEU E 130 -9.43 -61.34 -39.16
C LEU E 130 -9.53 -62.67 -38.43
N THR E 131 -8.39 -63.32 -38.16
CA THR E 131 -8.41 -64.52 -37.34
C THR E 131 -8.92 -64.24 -35.94
N SER E 132 -8.74 -63.01 -35.46
CA SER E 132 -9.22 -62.60 -34.14
C SER E 132 -10.62 -62.03 -34.18
N GLY E 133 -11.25 -61.93 -35.35
CA GLY E 133 -12.60 -61.42 -35.46
C GLY E 133 -12.72 -59.93 -35.70
N GLY E 134 -11.60 -59.20 -35.68
CA GLY E 134 -11.61 -57.78 -35.93
C GLY E 134 -11.06 -57.43 -37.30
N ALA E 135 -11.21 -56.15 -37.65
CA ALA E 135 -10.73 -55.64 -38.92
C ALA E 135 -10.61 -54.13 -38.84
N SER E 136 -9.41 -53.61 -39.02
CA SER E 136 -9.14 -52.17 -39.00
C SER E 136 -8.30 -51.81 -40.22
N VAL E 137 -8.82 -50.89 -41.03
CA VAL E 137 -8.07 -50.38 -42.17
C VAL E 137 -7.33 -49.12 -41.75
N VAL E 138 -6.06 -49.03 -42.14
CA VAL E 138 -5.18 -47.97 -41.68
C VAL E 138 -4.71 -47.14 -42.88
N CYS E 139 -4.75 -45.82 -42.71
CA CYS E 139 -4.28 -44.87 -43.71
C CYS E 139 -3.30 -43.93 -43.06
N PHE E 140 -2.13 -43.78 -43.68
CA PHE E 140 -1.08 -42.89 -43.17
C PHE E 140 -0.89 -41.71 -44.11
N LEU E 141 -0.65 -40.54 -43.52
CA LEU E 141 -0.43 -39.29 -44.26
C LEU E 141 0.78 -38.61 -43.62
N ASN E 142 1.94 -38.75 -44.25
CA ASN E 142 3.18 -38.33 -43.64
C ASN E 142 3.77 -37.10 -44.35
N ASN E 143 4.39 -36.23 -43.56
CA ASN E 143 5.19 -35.12 -44.08
C ASN E 143 4.39 -34.20 -44.99
N PHE E 144 3.40 -33.50 -44.43
CA PHE E 144 2.66 -32.50 -45.18
C PHE E 144 2.65 -31.17 -44.42
N TYR E 145 2.48 -30.09 -45.17
CA TYR E 145 2.40 -28.75 -44.62
C TYR E 145 1.48 -27.93 -45.51
N PRO E 146 0.64 -27.04 -44.95
CA PRO E 146 0.46 -26.69 -43.54
C PRO E 146 -0.27 -27.76 -42.73
N LYS E 147 -0.56 -27.45 -41.46
CA LYS E 147 -1.15 -28.42 -40.55
C LYS E 147 -2.56 -28.81 -40.92
N ASP E 148 -3.28 -27.98 -41.66
CA ASP E 148 -4.68 -28.23 -42.02
C ASP E 148 -4.74 -29.30 -43.10
N ILE E 149 -5.63 -30.28 -42.92
CA ILE E 149 -5.82 -31.34 -43.90
C ILE E 149 -7.16 -32.01 -43.59
N ASN E 150 -7.76 -32.61 -44.61
CA ASN E 150 -9.02 -33.33 -44.46
C ASN E 150 -8.91 -34.67 -45.17
N VAL E 151 -9.51 -35.70 -44.58
CA VAL E 151 -9.48 -37.04 -45.12
C VAL E 151 -10.87 -37.65 -45.05
N LYS E 152 -11.13 -38.60 -45.94
CA LYS E 152 -12.42 -39.28 -46.01
C LYS E 152 -12.20 -40.70 -46.52
N TRP E 153 -13.21 -41.54 -46.33
CA TRP E 153 -13.13 -42.96 -46.62
C TRP E 153 -14.27 -43.39 -47.55
N LYS E 154 -14.00 -44.42 -48.35
CA LYS E 154 -15.01 -45.06 -49.19
C LYS E 154 -14.84 -46.56 -49.12
N ILE E 155 -15.94 -47.28 -49.34
CA ILE E 155 -15.94 -48.74 -49.46
C ILE E 155 -16.57 -49.10 -50.79
N ASP E 156 -15.82 -49.84 -51.61
CA ASP E 156 -16.28 -50.24 -52.94
C ASP E 156 -16.85 -49.05 -53.70
N GLY E 157 -16.29 -47.86 -53.46
CA GLY E 157 -16.76 -46.65 -54.09
C GLY E 157 -17.86 -45.93 -53.33
N SER E 158 -18.39 -46.52 -52.25
CA SER E 158 -19.41 -45.87 -51.45
C SER E 158 -18.76 -45.18 -50.25
N GLU E 159 -19.07 -43.90 -50.07
CA GLU E 159 -18.46 -43.12 -49.00
C GLU E 159 -18.95 -43.60 -47.64
N ARG E 160 -18.04 -43.62 -46.66
CA ARG E 160 -18.35 -44.03 -45.30
C ARG E 160 -17.75 -43.04 -44.32
N GLN E 161 -18.41 -42.86 -43.17
CA GLN E 161 -17.98 -41.90 -42.17
C GLN E 161 -17.91 -42.52 -40.78
N ASN E 162 -18.50 -43.70 -40.59
CA ASN E 162 -18.58 -44.34 -39.29
C ASN E 162 -17.39 -45.26 -39.08
N GLY E 163 -16.92 -45.34 -37.83
CA GLY E 163 -15.80 -46.20 -37.50
C GLY E 163 -14.44 -45.64 -37.84
N VAL E 164 -14.28 -44.33 -37.90
CA VAL E 164 -13.03 -43.70 -38.31
C VAL E 164 -12.46 -42.91 -37.15
N LEU E 165 -11.16 -43.08 -36.90
CA LEU E 165 -10.44 -42.36 -35.87
C LEU E 165 -9.26 -41.63 -36.51
N ASN E 166 -9.04 -40.39 -36.09
CA ASN E 166 -7.99 -39.55 -36.64
C ASN E 166 -7.02 -39.14 -35.53
N SER E 167 -5.73 -39.11 -35.86
CA SER E 167 -4.70 -38.72 -34.91
C SER E 167 -3.70 -37.81 -35.62
N TRP E 168 -3.20 -36.83 -34.90
CA TRP E 168 -2.25 -35.86 -35.43
C TRP E 168 -0.98 -35.82 -34.58
N THR E 169 0.15 -35.62 -35.24
CA THR E 169 1.39 -35.34 -34.55
C THR E 169 1.64 -33.83 -34.53
N ASP E 170 2.34 -33.38 -33.49
CA ASP E 170 2.75 -31.98 -33.44
C ASP E 170 3.81 -31.73 -34.51
N GLN E 171 4.23 -30.48 -34.66
CA GLN E 171 5.19 -30.14 -35.69
C GLN E 171 6.44 -31.00 -35.53
N ASP E 172 6.89 -31.58 -36.64
CA ASP E 172 7.94 -32.59 -36.61
C ASP E 172 9.24 -32.08 -36.00
N SER E 173 9.50 -30.78 -36.04
CA SER E 173 10.67 -30.15 -35.43
C SER E 173 11.97 -30.47 -36.15
N LYS E 174 11.96 -31.38 -37.11
CA LYS E 174 13.16 -31.67 -37.89
C LYS E 174 12.90 -31.30 -39.34
N ASP E 175 11.75 -31.70 -39.87
CA ASP E 175 11.29 -31.25 -41.18
C ASP E 175 10.31 -30.08 -41.09
N SER E 176 9.86 -29.74 -39.88
CA SER E 176 8.83 -28.71 -39.69
C SER E 176 7.55 -29.08 -40.42
N THR E 177 7.34 -30.38 -40.63
CA THR E 177 6.16 -30.87 -41.32
C THR E 177 5.18 -31.45 -40.30
N TYR E 178 4.10 -32.05 -40.79
CA TYR E 178 3.08 -32.66 -39.95
C TYR E 178 2.73 -34.03 -40.50
N SER E 179 2.25 -34.90 -39.61
CA SER E 179 1.85 -36.25 -39.99
C SER E 179 0.51 -36.56 -39.34
N MET E 180 -0.24 -37.47 -39.97
CA MET E 180 -1.57 -37.84 -39.51
C MET E 180 -1.85 -39.27 -39.90
N SER E 181 -2.69 -39.93 -39.12
CA SER E 181 -3.11 -41.30 -39.38
C SER E 181 -4.62 -41.41 -39.23
N SER E 182 -5.22 -42.27 -40.05
CA SER E 182 -6.65 -42.55 -39.99
C SER E 182 -6.86 -44.06 -39.94
N THR E 183 -7.73 -44.49 -39.03
CA THR E 183 -8.02 -45.91 -38.83
C THR E 183 -9.51 -46.13 -39.01
N LEU E 184 -9.88 -46.97 -39.96
CA LEU E 184 -11.27 -47.33 -40.21
C LEU E 184 -11.50 -48.74 -39.68
N THR E 185 -12.37 -48.87 -38.69
CA THR E 185 -12.64 -50.14 -38.03
C THR E 185 -13.92 -50.76 -38.56
N LEU E 186 -13.85 -52.04 -38.90
CA LEU E 186 -14.97 -52.78 -39.45
C LEU E 186 -15.07 -54.14 -38.78
N THR E 187 -16.29 -54.69 -38.77
CA THR E 187 -16.48 -56.05 -38.32
C THR E 187 -16.04 -57.02 -39.42
N LYS E 188 -15.66 -58.23 -39.01
CA LYS E 188 -15.14 -59.21 -39.95
C LYS E 188 -16.15 -59.47 -41.07
N ASP E 189 -17.41 -59.70 -40.71
CA ASP E 189 -18.43 -60.00 -41.70
C ASP E 189 -18.64 -58.83 -42.66
N GLU E 190 -18.70 -57.60 -42.14
CA GLU E 190 -18.90 -56.45 -43.02
C GLU E 190 -17.66 -56.14 -43.85
N TYR E 191 -16.47 -56.37 -43.29
CA TYR E 191 -15.25 -56.19 -44.07
C TYR E 191 -15.19 -57.17 -45.22
N GLU E 192 -15.61 -58.42 -45.00
CA GLU E 192 -15.53 -59.44 -46.04
C GLU E 192 -16.63 -59.34 -47.08
N ARG E 193 -17.69 -58.56 -46.83
CA ARG E 193 -18.78 -58.43 -47.78
C ARG E 193 -18.58 -57.27 -48.76
N HIS E 194 -17.44 -56.58 -48.69
CA HIS E 194 -17.06 -55.57 -49.67
C HIS E 194 -15.68 -55.90 -50.23
N ASN E 195 -15.45 -55.52 -51.48
CA ASN E 195 -14.27 -55.94 -52.21
C ASN E 195 -13.17 -54.88 -52.28
N SER E 196 -13.51 -53.60 -52.13
CA SER E 196 -12.53 -52.54 -52.27
C SER E 196 -12.74 -51.49 -51.19
N TYR E 197 -11.66 -50.79 -50.84
CA TYR E 197 -11.69 -49.71 -49.88
C TYR E 197 -10.76 -48.60 -50.35
N THR E 198 -11.04 -47.37 -49.91
CA THR E 198 -10.31 -46.21 -50.40
C THR E 198 -10.08 -45.21 -49.28
N CYS E 199 -8.89 -44.61 -49.29
CA CYS E 199 -8.56 -43.47 -48.43
C CYS E 199 -8.36 -42.26 -49.32
N GLU E 200 -9.07 -41.18 -49.03
CA GLU E 200 -9.10 -40.00 -49.89
C GLU E 200 -8.67 -38.81 -49.05
N ALA E 201 -7.55 -38.19 -49.44
CA ALA E 201 -6.95 -37.09 -48.69
C ALA E 201 -6.96 -35.83 -49.54
N THR E 202 -7.43 -34.73 -48.96
CA THR E 202 -7.45 -33.42 -49.61
C THR E 202 -6.50 -32.50 -48.84
N HIS E 203 -5.59 -31.85 -49.58
CA HIS E 203 -4.62 -30.95 -48.97
C HIS E 203 -4.66 -29.61 -49.69
N LYS E 204 -4.22 -28.57 -48.98
CA LYS E 204 -4.29 -27.21 -49.51
C LYS E 204 -3.48 -27.04 -50.78
N THR E 205 -2.53 -27.93 -51.05
CA THR E 205 -1.63 -27.80 -52.19
C THR E 205 -2.10 -28.62 -53.39
N SER E 206 -3.40 -28.83 -53.56
CA SER E 206 -3.91 -29.58 -54.69
C SER E 206 -5.35 -29.16 -54.97
N THR E 207 -5.76 -29.31 -56.23
CA THR E 207 -7.13 -29.04 -56.63
C THR E 207 -8.01 -30.27 -56.55
N SER E 208 -7.42 -31.47 -56.48
CA SER E 208 -8.16 -32.71 -56.45
C SER E 208 -7.61 -33.57 -55.32
N PRO E 209 -8.42 -34.48 -54.77
CA PRO E 209 -7.93 -35.30 -53.65
C PRO E 209 -6.86 -36.29 -54.09
N ILE E 210 -6.03 -36.70 -53.12
CA ILE E 210 -5.05 -37.75 -53.32
C ILE E 210 -5.73 -39.07 -52.93
N VAL E 211 -6.14 -39.85 -53.91
CA VAL E 211 -6.93 -41.05 -53.69
C VAL E 211 -6.03 -42.27 -53.72
N LYS E 212 -6.23 -43.17 -52.75
CA LYS E 212 -5.50 -44.42 -52.69
C LYS E 212 -6.46 -45.53 -52.27
N SER E 213 -6.34 -46.68 -52.93
CA SER E 213 -7.25 -47.79 -52.74
C SER E 213 -6.48 -49.10 -52.82
N PHE E 214 -7.15 -50.18 -52.40
CA PHE E 214 -6.58 -51.51 -52.43
C PHE E 214 -7.69 -52.54 -52.58
N ASN E 215 -7.31 -53.73 -53.06
CA ASN E 215 -8.23 -54.85 -53.18
C ASN E 215 -8.08 -55.77 -51.98
N ARG E 216 -9.20 -56.38 -51.58
CA ARG E 216 -9.25 -57.08 -50.30
C ARG E 216 -8.18 -58.16 -50.19
N ASN E 217 -7.71 -58.37 -48.97
CA ASN E 217 -6.81 -59.48 -48.64
C ASN E 217 -5.47 -59.40 -49.36
N GLU E 218 -4.70 -58.35 -49.11
CA GLU E 218 -3.30 -58.32 -49.49
C GLU E 218 -2.43 -58.78 -48.32
N CYS E 219 -1.27 -59.35 -48.66
CA CYS E 219 -0.34 -59.83 -47.65
C CYS E 219 1.01 -60.17 -48.27
N ASP F 1 -4.75 8.54 -2.64
CA ASP F 1 -5.09 8.89 -1.24
C ASP F 1 -6.58 9.24 -1.11
N ILE F 2 -7.03 9.48 0.12
CA ILE F 2 -8.43 9.70 0.42
C ILE F 2 -8.73 11.19 0.22
N GLN F 3 -9.78 11.47 -0.55
CA GLN F 3 -10.17 12.83 -0.83
C GLN F 3 -11.34 13.24 0.06
N MET F 4 -11.31 14.50 0.49
CA MET F 4 -12.33 15.06 1.39
C MET F 4 -13.04 16.19 0.67
N THR F 5 -14.36 16.23 0.78
CA THR F 5 -15.19 17.23 0.11
C THR F 5 -16.18 17.79 1.11
N GLN F 6 -16.13 19.10 1.31
CA GLN F 6 -17.17 19.81 2.04
C GLN F 6 -18.17 20.38 1.06
N THR F 7 -19.46 20.17 1.35
CA THR F 7 -20.50 20.42 0.36
C THR F 7 -20.52 21.85 -0.15
N THR F 8 -20.33 22.84 0.72
CA THR F 8 -20.39 24.23 0.31
C THR F 8 -19.14 24.96 0.79
N SER F 9 -18.77 25.99 0.05
CA SER F 9 -17.61 26.80 0.40
C SER F 9 -17.97 28.01 1.25
N SER F 10 -19.20 28.50 1.15
CA SER F 10 -19.67 29.64 1.93
C SER F 10 -21.03 29.29 2.54
N LEU F 11 -21.23 29.72 3.79
CA LEU F 11 -22.45 29.46 4.51
C LEU F 11 -22.94 30.75 5.14
N SER F 12 -24.19 31.10 4.87
CA SER F 12 -24.81 32.31 5.40
C SER F 12 -25.68 31.95 6.59
N ALA F 13 -25.52 32.69 7.68
CA ALA F 13 -26.24 32.40 8.92
C ALA F 13 -26.60 33.73 9.58
N SER F 14 -27.21 33.63 10.77
CA SER F 14 -27.54 34.79 11.56
C SER F 14 -27.34 34.44 13.02
N LEU F 15 -27.00 35.45 13.82
CA LEU F 15 -26.71 35.22 15.23
C LEU F 15 -27.88 34.52 15.90
N GLY F 16 -27.58 33.46 16.66
CA GLY F 16 -28.58 32.64 17.29
C GLY F 16 -29.12 31.52 16.43
N ASP F 17 -28.71 31.44 15.17
CA ASP F 17 -29.19 30.38 14.29
C ASP F 17 -28.49 29.06 14.61
N ARG F 18 -29.03 27.97 14.05
CA ARG F 18 -28.44 26.64 14.16
C ARG F 18 -27.88 26.29 12.78
N VAL F 19 -26.56 26.16 12.70
CA VAL F 19 -25.89 25.86 11.44
C VAL F 19 -25.26 24.48 11.50
N THR F 20 -25.17 23.83 10.34
CA THR F 20 -24.57 22.51 10.24
C THR F 20 -23.64 22.48 9.04
N ILE F 21 -22.42 21.99 9.23
CA ILE F 21 -21.41 21.89 8.19
C ILE F 21 -21.10 20.42 7.97
N SER F 22 -21.19 19.98 6.71
CA SER F 22 -21.05 18.57 6.37
C SER F 22 -19.74 18.33 5.63
N CYS F 23 -19.17 17.14 5.85
CA CYS F 23 -17.96 16.69 5.19
C CYS F 23 -18.19 15.27 4.69
N ARG F 24 -17.56 14.93 3.56
CA ARG F 24 -17.70 13.61 2.95
C ARG F 24 -16.33 13.07 2.60
N ALA F 25 -16.15 11.76 2.79
CA ALA F 25 -14.88 11.10 2.52
C ALA F 25 -15.03 10.13 1.36
N SER F 26 -13.99 10.03 0.53
CA SER F 26 -14.04 9.16 -0.63
C SER F 26 -14.09 7.69 -0.25
N GLN F 27 -13.64 7.33 0.95
CA GLN F 27 -13.73 5.95 1.43
C GLN F 27 -13.80 5.97 2.94
N GLY F 28 -14.22 4.84 3.50
CA GLY F 28 -14.52 4.79 4.92
C GLY F 28 -13.32 5.11 5.78
N VAL F 29 -13.57 5.83 6.87
CA VAL F 29 -12.59 6.08 7.92
C VAL F 29 -13.23 5.70 9.24
N ASN F 30 -12.48 4.99 10.08
CA ASN F 30 -13.04 4.49 11.33
C ASN F 30 -13.24 5.62 12.32
N ASN F 31 -14.15 6.54 12.02
CA ASN F 31 -14.47 7.68 12.87
C ASN F 31 -13.28 8.60 13.09
N TYR F 32 -12.19 8.41 12.34
CA TYR F 32 -10.98 9.23 12.51
C TYR F 32 -11.10 10.49 11.66
N LEU F 33 -11.97 11.38 12.12
CA LEU F 33 -12.19 12.67 11.47
C LEU F 33 -12.05 13.78 12.49
N ASN F 34 -11.46 14.89 12.07
CA ASN F 34 -11.18 16.02 12.94
C ASN F 34 -11.74 17.29 12.33
N TRP F 35 -12.11 18.24 13.19
CA TRP F 35 -12.61 19.54 12.78
C TRP F 35 -11.73 20.64 13.35
N TYR F 36 -11.40 21.63 12.53
CA TYR F 36 -10.57 22.75 12.93
C TYR F 36 -11.27 24.05 12.61
N GLN F 37 -10.92 25.09 13.36
CA GLN F 37 -11.39 26.45 13.11
C GLN F 37 -10.19 27.36 12.89
N GLN F 38 -10.24 28.19 11.86
CA GLN F 38 -9.23 29.20 11.60
C GLN F 38 -9.84 30.58 11.67
N LYS F 39 -9.31 31.43 12.53
CA LYS F 39 -9.79 32.78 12.68
C LYS F 39 -9.37 33.63 11.48
N PRO F 40 -10.03 34.77 11.27
CA PRO F 40 -9.68 35.59 10.10
C PRO F 40 -8.21 35.97 10.02
N ASP F 41 -7.56 36.22 11.16
CA ASP F 41 -6.15 36.59 11.15
C ASP F 41 -5.29 35.43 10.66
N GLY F 42 -5.60 34.21 11.12
CA GLY F 42 -4.85 33.05 10.70
C GLY F 42 -4.65 32.00 11.77
N SER F 43 -5.03 32.32 13.01
CA SER F 43 -4.89 31.37 14.10
C SER F 43 -5.78 30.16 13.87
N VAL F 44 -5.25 28.97 14.13
CA VAL F 44 -5.95 27.71 13.90
C VAL F 44 -6.13 27.00 15.23
N LYS F 45 -7.32 26.43 15.45
CA LYS F 45 -7.62 25.70 16.66
C LYS F 45 -8.44 24.45 16.35
N LEU F 46 -8.18 23.39 17.09
CA LEU F 46 -8.94 22.16 16.99
C LEU F 46 -10.24 22.27 17.77
N LEU F 47 -11.33 21.76 17.20
CA LEU F 47 -12.63 21.77 17.84
C LEU F 47 -13.09 20.37 18.26
N ILE F 48 -13.14 19.43 17.32
CA ILE F 48 -13.68 18.10 17.57
C ILE F 48 -12.76 17.08 16.93
N TYR F 49 -12.50 15.99 17.65
CA TYR F 49 -11.67 14.90 17.15
C TYR F 49 -12.41 13.57 17.36
N TYR F 50 -12.04 12.59 16.54
CA TYR F 50 -12.66 11.27 16.57
C TYR F 50 -14.19 11.37 16.43
N THR F 51 -14.62 12.27 15.54
CA THR F 51 -16.05 12.44 15.12
C THR F 51 -16.93 13.10 16.20
N SER F 52 -16.72 12.84 17.50
CA SER F 52 -17.68 13.35 18.48
C SER F 52 -17.02 13.93 19.73
N ASN F 53 -15.70 13.95 19.83
CA ASN F 53 -15.02 14.37 21.04
C ASN F 53 -14.52 15.79 20.86
N LEU F 54 -14.93 16.69 21.75
CA LEU F 54 -14.60 18.10 21.65
C LEU F 54 -13.33 18.39 22.43
N HIS F 55 -12.47 19.22 21.85
CA HIS F 55 -11.16 19.50 22.43
C HIS F 55 -11.31 20.18 23.78
N SER F 56 -10.32 19.95 24.65
CA SER F 56 -10.32 20.56 25.98
C SER F 56 -10.08 22.06 25.90
N GLY F 57 -11.15 22.84 26.03
CA GLY F 57 -11.04 24.28 25.99
C GLY F 57 -11.93 24.90 24.94
N ALA F 58 -12.58 24.07 24.13
CA ALA F 58 -13.44 24.56 23.08
C ALA F 58 -14.83 24.92 23.64
N PRO F 59 -15.57 25.78 22.96
CA PRO F 59 -16.94 26.09 23.41
C PRO F 59 -17.81 24.85 23.41
N SER F 60 -18.75 24.80 24.35
CA SER F 60 -19.65 23.66 24.47
C SER F 60 -20.71 23.64 23.38
N ARG F 61 -20.83 24.70 22.57
CA ARG F 61 -21.85 24.76 21.55
C ARG F 61 -21.46 24.04 20.26
N PHE F 62 -20.26 23.49 20.19
CA PHE F 62 -19.83 22.71 19.03
C PHE F 62 -20.03 21.23 19.30
N SER F 63 -20.60 20.53 18.32
CA SER F 63 -20.82 19.10 18.42
C SER F 63 -20.66 18.47 17.05
N GLY F 64 -20.16 17.24 17.04
CA GLY F 64 -19.95 16.53 15.79
C GLY F 64 -20.51 15.11 15.87
N SER F 65 -20.77 14.56 14.69
CA SER F 65 -21.31 13.20 14.59
C SER F 65 -21.19 12.75 13.14
N GLY F 66 -21.34 11.45 12.94
CA GLY F 66 -21.31 10.90 11.61
C GLY F 66 -20.80 9.46 11.64
N SER F 67 -20.77 8.86 10.45
CA SER F 67 -20.28 7.50 10.28
C SER F 67 -19.49 7.45 8.98
N GLY F 68 -19.12 6.25 8.57
CA GLY F 68 -18.28 6.05 7.41
C GLY F 68 -18.68 6.86 6.19
N THR F 69 -17.79 7.75 5.75
CA THR F 69 -17.94 8.48 4.51
C THR F 69 -18.99 9.57 4.58
N ASP F 70 -19.43 9.94 5.78
CA ASP F 70 -20.40 11.02 5.96
C ASP F 70 -20.31 11.54 7.39
N TYR F 71 -19.94 12.81 7.54
CA TYR F 71 -19.79 13.44 8.84
C TYR F 71 -20.30 14.88 8.77
N SER F 72 -20.57 15.46 9.94
CA SER F 72 -21.09 16.81 10.01
C SER F 72 -20.65 17.48 11.30
N LEU F 73 -20.65 18.82 11.26
CA LEU F 73 -20.37 19.65 12.42
C LEU F 73 -21.54 20.61 12.62
N THR F 74 -21.92 20.83 13.87
CA THR F 74 -23.07 21.65 14.21
C THR F 74 -22.70 22.66 15.28
N ILE F 75 -23.31 23.84 15.20
CA ILE F 75 -23.20 24.88 16.22
C ILE F 75 -24.61 25.14 16.76
N SER F 76 -24.76 25.01 18.09
CA SER F 76 -26.08 25.13 18.68
C SER F 76 -26.67 26.51 18.44
N ASN F 77 -25.88 27.55 18.67
CA ASN F 77 -26.34 28.92 18.44
C ASN F 77 -25.14 29.80 18.18
N LEU F 78 -25.20 30.60 17.13
CA LEU F 78 -24.03 31.36 16.68
C LEU F 78 -23.74 32.54 17.58
N GLU F 79 -22.46 32.82 17.77
CA GLU F 79 -21.96 34.06 18.33
C GLU F 79 -20.98 34.69 17.34
N GLN F 80 -20.74 35.99 17.51
CA GLN F 80 -19.82 36.69 16.63
C GLN F 80 -18.42 36.07 16.68
N GLU F 81 -18.08 35.38 17.78
CA GLU F 81 -16.80 34.69 17.85
C GLU F 81 -16.71 33.56 16.84
N ASP F 82 -17.85 33.03 16.41
CA ASP F 82 -17.90 31.81 15.62
C ASP F 82 -17.87 32.05 14.12
N ILE F 83 -17.71 33.29 13.68
CA ILE F 83 -17.62 33.59 12.25
C ILE F 83 -16.18 33.35 11.83
N ALA F 84 -15.95 32.23 11.16
CA ALA F 84 -14.60 31.80 10.83
C ALA F 84 -14.69 30.74 9.73
N THR F 85 -13.57 30.07 9.47
CA THR F 85 -13.48 29.00 8.49
C THR F 85 -13.29 27.67 9.21
N TYR F 86 -13.81 26.59 8.62
CA TYR F 86 -13.81 25.28 9.25
C TYR F 86 -13.34 24.25 8.25
N PHE F 87 -12.49 23.31 8.70
CA PHE F 87 -11.90 22.28 7.86
C PHE F 87 -12.15 20.92 8.47
N CYS F 88 -12.39 19.92 7.64
CA CYS F 88 -12.44 18.54 8.08
C CYS F 88 -11.18 17.81 7.61
N GLN F 89 -10.70 16.90 8.46
CA GLN F 89 -9.44 16.20 8.20
C GLN F 89 -9.59 14.74 8.60
N GLN F 90 -9.09 13.85 7.75
CA GLN F 90 -9.08 12.43 8.03
C GLN F 90 -7.69 11.99 8.46
N ALA F 91 -7.65 11.02 9.37
CA ALA F 91 -6.40 10.49 9.90
C ALA F 91 -6.35 8.98 9.85
N ASN F 92 -7.22 8.33 9.07
CA ASN F 92 -7.24 6.88 8.98
C ASN F 92 -6.08 6.33 8.16
N MET F 93 -5.58 7.09 7.18
CA MET F 93 -4.52 6.61 6.32
C MET F 93 -3.56 7.76 6.04
N VAL F 94 -2.34 7.40 5.66
CA VAL F 94 -1.31 8.37 5.28
C VAL F 94 -1.35 8.52 3.76
N PRO F 95 -1.20 9.74 3.23
CA PRO F 95 -1.02 11.03 3.90
C PRO F 95 -2.31 11.60 4.47
N TRP F 96 -2.22 12.35 5.57
CA TRP F 96 -3.38 13.02 6.11
C TRP F 96 -3.87 14.10 5.16
N THR F 97 -5.19 14.19 4.98
CA THR F 97 -5.78 15.09 4.01
C THR F 97 -6.83 15.97 4.69
N PHE F 98 -7.03 17.15 4.13
CA PHE F 98 -7.95 18.14 4.67
C PHE F 98 -9.09 18.40 3.69
N GLY F 99 -10.17 18.98 4.20
CA GLY F 99 -11.24 19.43 3.34
C GLY F 99 -10.94 20.78 2.71
N GLY F 100 -11.83 21.20 1.82
CA GLY F 100 -11.65 22.46 1.12
C GLY F 100 -11.85 23.69 1.97
N GLY F 101 -12.61 23.57 3.06
CA GLY F 101 -12.88 24.71 3.93
C GLY F 101 -14.24 25.34 3.68
N THR F 102 -14.91 25.75 4.76
CA THR F 102 -16.20 26.39 4.68
C THR F 102 -16.18 27.63 5.57
N LYS F 103 -16.54 28.77 4.99
CA LYS F 103 -16.45 30.06 5.68
C LYS F 103 -17.85 30.58 5.99
N LEU F 104 -18.06 30.99 7.23
CA LEU F 104 -19.34 31.52 7.66
C LEU F 104 -19.44 33.01 7.41
N GLU F 105 -20.67 33.50 7.23
CA GLU F 105 -20.91 34.92 7.07
C GLU F 105 -22.29 35.26 7.63
N ILE F 106 -22.48 36.52 8.01
CA ILE F 106 -23.72 36.99 8.60
C ILE F 106 -24.68 37.37 7.49
N LYS F 107 -25.92 36.89 7.59
CA LYS F 107 -26.95 37.27 6.63
C LYS F 107 -27.51 38.65 6.97
N ARG F 108 -27.90 39.39 5.93
CA ARG F 108 -28.41 40.74 6.11
C ARG F 108 -29.23 41.12 4.88
N ALA F 109 -29.83 42.31 4.94
CA ALA F 109 -30.61 42.81 3.82
C ALA F 109 -29.71 43.07 2.61
N ASP F 110 -30.21 42.74 1.42
CA ASP F 110 -29.45 42.95 0.20
C ASP F 110 -29.25 44.45 -0.06
N ALA F 111 -28.21 44.75 -0.83
CA ALA F 111 -27.90 46.15 -1.17
C ALA F 111 -27.10 46.16 -2.47
N ALA F 112 -27.36 47.16 -3.30
CA ALA F 112 -26.64 47.28 -4.56
C ALA F 112 -25.36 48.10 -4.38
N PRO F 113 -24.35 47.89 -5.23
CA PRO F 113 -23.07 48.57 -5.04
C PRO F 113 -23.16 50.04 -5.42
N THR F 114 -22.47 50.88 -4.66
CA THR F 114 -22.22 52.26 -5.09
C THR F 114 -20.93 52.31 -5.89
N VAL F 115 -21.00 52.94 -7.06
CA VAL F 115 -19.94 52.86 -8.05
C VAL F 115 -19.26 54.21 -8.19
N SER F 116 -17.96 54.17 -8.47
CA SER F 116 -17.18 55.39 -8.69
C SER F 116 -16.00 55.04 -9.58
N ILE F 117 -15.67 55.97 -10.47
CA ILE F 117 -14.59 55.79 -11.43
C ILE F 117 -13.70 57.02 -11.40
N PHE F 118 -12.38 56.80 -11.48
CA PHE F 118 -11.41 57.88 -11.39
C PHE F 118 -10.51 57.85 -12.62
N PRO F 119 -10.15 59.00 -13.17
CA PRO F 119 -9.25 59.01 -14.33
C PRO F 119 -7.80 58.99 -13.89
N PRO F 120 -6.88 58.64 -14.78
CA PRO F 120 -5.45 58.63 -14.41
C PRO F 120 -5.01 60.00 -13.91
N SER F 121 -4.23 59.97 -12.82
CA SER F 121 -3.73 61.22 -12.22
C SER F 121 -2.63 61.82 -13.10
N SER F 122 -2.62 63.15 -13.24
CA SER F 122 -1.58 63.80 -14.02
C SER F 122 -0.19 63.46 -13.49
N GLU F 123 -0.07 63.22 -12.18
CA GLU F 123 1.22 62.82 -11.63
C GLU F 123 1.68 61.49 -12.22
N GLN F 124 0.75 60.54 -12.35
CA GLN F 124 1.09 59.25 -12.97
C GLN F 124 1.42 59.43 -14.45
N LEU F 125 0.65 60.27 -15.14
CA LEU F 125 0.87 60.45 -16.57
C LEU F 125 2.25 61.04 -16.85
N THR F 126 2.78 61.86 -15.93
CA THR F 126 4.13 62.40 -16.11
C THR F 126 5.17 61.28 -16.10
N SER F 127 4.86 60.15 -15.46
CA SER F 127 5.79 59.03 -15.37
C SER F 127 5.64 58.03 -16.50
N GLY F 128 4.70 58.25 -17.43
CA GLY F 128 4.50 57.36 -18.54
C GLY F 128 3.44 56.30 -18.35
N GLY F 129 2.98 56.07 -17.12
CA GLY F 129 1.92 55.10 -16.89
C GLY F 129 0.55 55.74 -16.89
N ALA F 130 -0.46 54.89 -16.82
CA ALA F 130 -1.85 55.33 -16.77
C ALA F 130 -2.71 54.20 -16.23
N SER F 131 -3.33 54.42 -15.07
CA SER F 131 -4.20 53.43 -14.43
C SER F 131 -5.54 54.08 -14.12
N VAL F 132 -6.61 53.42 -14.56
CA VAL F 132 -7.97 53.84 -14.21
C VAL F 132 -8.52 52.92 -13.13
N VAL F 133 -9.13 53.51 -12.10
CA VAL F 133 -9.54 52.80 -10.91
C VAL F 133 -11.06 52.87 -10.78
N CYS F 134 -11.67 51.75 -10.38
CA CYS F 134 -13.10 51.65 -10.17
C CYS F 134 -13.37 51.09 -8.78
N PHE F 135 -14.34 51.67 -8.08
CA PHE F 135 -14.69 51.25 -6.73
C PHE F 135 -16.15 50.81 -6.69
N LEU F 136 -16.40 49.72 -5.97
CA LEU F 136 -17.75 49.19 -5.76
C LEU F 136 -17.92 48.95 -4.25
N ASN F 137 -18.50 49.92 -3.57
CA ASN F 137 -18.48 49.98 -2.11
C ASN F 137 -19.80 49.48 -1.52
N ASN F 138 -19.71 48.65 -0.49
CA ASN F 138 -20.86 48.29 0.33
C ASN F 138 -21.97 47.65 -0.48
N PHE F 139 -21.70 46.47 -1.03
CA PHE F 139 -22.71 45.67 -1.71
C PHE F 139 -22.88 44.33 -1.04
N TYR F 140 -24.11 43.80 -1.10
CA TYR F 140 -24.45 42.50 -0.57
C TYR F 140 -25.34 41.84 -1.60
N PRO F 141 -25.20 40.52 -1.85
CA PRO F 141 -24.28 39.55 -1.25
C PRO F 141 -22.85 39.62 -1.78
N LYS F 142 -22.08 38.56 -1.51
CA LYS F 142 -20.64 38.59 -1.76
C LYS F 142 -20.30 38.62 -3.25
N ASP F 143 -20.90 37.72 -4.03
CA ASP F 143 -20.50 37.49 -5.41
C ASP F 143 -20.89 38.68 -6.28
N ILE F 144 -20.02 39.03 -7.22
CA ILE F 144 -20.26 40.12 -8.15
C ILE F 144 -19.28 40.00 -9.31
N ASN F 145 -19.70 40.46 -10.48
CA ASN F 145 -18.88 40.44 -11.68
C ASN F 145 -18.77 41.86 -12.24
N VAL F 146 -17.62 42.14 -12.86
CA VAL F 146 -17.35 43.47 -13.41
C VAL F 146 -16.71 43.30 -14.78
N LYS F 147 -16.84 44.33 -15.61
CA LYS F 147 -16.24 44.35 -16.94
C LYS F 147 -15.72 45.74 -17.24
N TRP F 148 -14.69 45.81 -18.09
CA TRP F 148 -14.12 47.07 -18.53
C TRP F 148 -14.33 47.22 -20.03
N LYS F 149 -14.80 48.39 -20.45
CA LYS F 149 -15.09 48.67 -21.86
C LYS F 149 -14.45 49.99 -22.27
N ILE F 150 -13.95 50.03 -23.49
CA ILE F 150 -13.28 51.21 -24.04
C ILE F 150 -13.86 51.49 -25.42
N ASP F 151 -14.38 52.70 -25.61
CA ASP F 151 -14.86 53.16 -26.92
C ASP F 151 -15.82 52.14 -27.54
N GLY F 152 -16.67 51.55 -26.70
CA GLY F 152 -17.61 50.55 -27.14
C GLY F 152 -17.05 49.14 -27.20
N SER F 153 -15.74 48.99 -27.11
CA SER F 153 -15.11 47.67 -27.12
C SER F 153 -14.83 47.21 -25.70
N GLU F 154 -14.61 45.91 -25.57
CA GLU F 154 -14.33 45.29 -24.28
C GLU F 154 -12.88 44.83 -24.22
N ARG F 155 -12.25 45.05 -23.07
CA ARG F 155 -10.87 44.69 -22.83
C ARG F 155 -10.78 43.78 -21.62
N GLN F 156 -9.94 42.75 -21.73
CA GLN F 156 -9.78 41.75 -20.69
C GLN F 156 -8.31 41.47 -20.43
N ASN F 157 -7.51 42.53 -20.30
CA ASN F 157 -6.09 42.39 -19.98
C ASN F 157 -5.62 43.62 -19.22
N GLY F 158 -4.55 43.45 -18.48
CA GLY F 158 -4.02 44.54 -17.68
C GLY F 158 -4.94 44.99 -16.58
N VAL F 159 -5.76 44.10 -16.04
CA VAL F 159 -6.75 44.43 -15.01
C VAL F 159 -6.40 43.66 -13.75
N LEU F 160 -6.51 44.33 -12.61
CA LEU F 160 -6.28 43.73 -11.31
C LEU F 160 -7.51 43.94 -10.44
N ASN F 161 -7.98 42.86 -9.81
CA ASN F 161 -9.19 42.87 -9.01
C ASN F 161 -8.86 42.52 -7.57
N SER F 162 -9.56 43.17 -6.64
CA SER F 162 -9.37 42.93 -5.22
C SER F 162 -10.71 42.97 -4.52
N TRP F 163 -10.82 42.24 -3.41
CA TRP F 163 -12.03 42.19 -2.62
C TRP F 163 -11.69 42.28 -1.14
N THR F 164 -12.48 43.04 -0.39
CA THR F 164 -12.34 43.09 1.05
C THR F 164 -13.13 41.96 1.70
N ASP F 165 -12.78 41.66 2.95
CA ASP F 165 -13.55 40.73 3.74
C ASP F 165 -14.85 41.38 4.19
N GLN F 166 -15.80 40.56 4.64
CA GLN F 166 -17.07 41.08 5.13
C GLN F 166 -16.83 42.03 6.28
N ASP F 167 -17.46 43.20 6.23
CA ASP F 167 -17.20 44.24 7.22
C ASP F 167 -17.90 43.91 8.53
N SER F 168 -17.16 43.96 9.63
CA SER F 168 -17.72 43.56 10.92
C SER F 168 -18.93 44.39 11.32
N LYS F 169 -18.97 45.67 10.94
CA LYS F 169 -20.05 46.57 11.37
C LYS F 169 -21.24 46.49 10.42
N ASP F 170 -21.03 46.82 9.14
CA ASP F 170 -22.11 46.78 8.17
C ASP F 170 -22.41 45.37 7.67
N SER F 171 -21.50 44.42 7.88
CA SER F 171 -21.64 43.08 7.36
C SER F 171 -21.80 43.07 5.85
N THR F 172 -21.26 44.10 5.19
CA THR F 172 -21.34 44.24 3.74
C THR F 172 -19.96 43.98 3.13
N TYR F 173 -19.91 43.90 1.81
CA TYR F 173 -18.68 43.64 1.08
C TYR F 173 -18.30 44.85 0.24
N SER F 174 -17.08 44.84 -0.28
CA SER F 174 -16.58 45.91 -1.13
C SER F 174 -15.56 45.32 -2.10
N MET F 175 -15.31 46.05 -3.17
CA MET F 175 -14.45 45.56 -4.24
C MET F 175 -13.81 46.73 -4.96
N SER F 176 -12.63 46.49 -5.52
CA SER F 176 -11.92 47.47 -6.34
C SER F 176 -11.33 46.78 -7.56
N SER F 177 -11.29 47.52 -8.68
CA SER F 177 -10.72 47.04 -9.92
C SER F 177 -9.89 48.15 -10.55
N THR F 178 -8.70 47.79 -11.01
CA THR F 178 -7.77 48.75 -11.61
C THR F 178 -7.35 48.23 -12.98
N LEU F 179 -7.56 49.04 -14.02
CA LEU F 179 -7.12 48.74 -15.37
C LEU F 179 -5.94 49.65 -15.69
N THR F 180 -4.82 49.07 -16.09
CA THR F 180 -3.59 49.81 -16.34
C THR F 180 -3.28 49.81 -17.83
N LEU F 181 -2.77 50.94 -18.31
CA LEU F 181 -2.42 51.12 -19.72
C LEU F 181 -1.09 51.84 -19.82
N THR F 182 -0.42 51.64 -20.94
CA THR F 182 0.71 52.49 -21.30
C THR F 182 0.19 53.80 -21.87
N LYS F 183 0.88 54.89 -21.52
CA LYS F 183 0.36 56.22 -21.87
C LYS F 183 0.14 56.36 -23.37
N ASP F 184 0.91 55.63 -24.19
CA ASP F 184 0.71 55.71 -25.62
C ASP F 184 -0.67 55.20 -26.03
N GLU F 185 -1.14 54.10 -25.42
CA GLU F 185 -2.43 53.53 -25.76
C GLU F 185 -3.58 54.11 -24.93
N TYR F 186 -3.28 54.83 -23.85
CA TYR F 186 -4.33 55.50 -23.09
C TYR F 186 -4.93 56.65 -23.88
N GLU F 187 -4.07 57.43 -24.56
CA GLU F 187 -4.50 58.63 -25.25
C GLU F 187 -4.95 58.37 -26.68
N ARG F 188 -4.94 57.12 -27.14
CA ARG F 188 -5.46 56.77 -28.45
C ARG F 188 -6.90 56.26 -28.37
N HIS F 189 -7.53 56.34 -27.21
CA HIS F 189 -8.94 56.01 -27.03
C HIS F 189 -9.61 57.14 -26.26
N ASN F 190 -10.91 57.32 -26.48
CA ASN F 190 -11.61 58.51 -25.99
C ASN F 190 -12.49 58.25 -24.78
N SER F 191 -12.99 57.03 -24.59
CA SER F 191 -13.95 56.77 -23.53
C SER F 191 -13.58 55.49 -22.80
N TYR F 192 -13.83 55.47 -21.49
CA TYR F 192 -13.57 54.31 -20.64
C TYR F 192 -14.78 54.11 -19.75
N THR F 193 -15.13 52.84 -19.52
CA THR F 193 -16.35 52.51 -18.78
C THR F 193 -16.09 51.36 -17.84
N CYS F 194 -16.62 51.46 -16.62
CA CYS F 194 -16.56 50.39 -15.62
C CYS F 194 -17.96 49.81 -15.50
N GLU F 195 -18.15 48.61 -16.06
CA GLU F 195 -19.47 47.97 -16.10
C GLU F 195 -19.61 47.06 -14.89
N ALA F 196 -20.36 47.53 -13.90
CA ALA F 196 -20.64 46.71 -12.72
C ALA F 196 -21.89 45.88 -12.96
N ARG F 197 -21.72 44.60 -13.22
CA ARG F 197 -22.84 43.71 -13.52
C ARG F 197 -23.78 43.75 -12.34
#